data_4G1K
#
_entry.id   4G1K
#
_cell.length_a   79.510
_cell.length_b   94.750
_cell.length_c   170.610
_cell.angle_alpha   90.000
_cell.angle_beta   90.000
_cell.angle_gamma   90.000
#
_symmetry.space_group_name_H-M   'P 21 21 21'
#
loop_
_entity.id
_entity.type
_entity.pdbx_description
1 polymer 'Triosephosphate isomerase'
2 non-polymer 'SODIUM ION'
3 non-polymer 1,2-ETHANEDIOL
4 non-polymer 'ACETATE ION'
5 water water
#
_entity_poly.entity_id   1
_entity_poly.type   'polypeptide(L)'
_entity_poly.pdbx_seq_one_letter_code
;MAHHHHHHMGTLEAQTQGPGSMSKQRIKRVIGNWKMHGRLSGNQALLTEVAQGAQAVHDNVAIGVCVPFPYLAQAQAQLQ
GGRVSWGSQDVSAHEQGAYTGEVAAGMVAEFGAAYAIVGHSERRAYHGESNETVAAKARRALAAGLTPIVCVGETLAERE
AGTTEQVVGAQLDAVLAVLSPDEAARIVVAYEPVWAIGTGKSATAEQAQQVHAFLRGRLAAKGAGHVSLLYGGSVKADNA
AELFGQPDIDGGLIGGASLKSGDFLAICRAAK
;
_entity_poly.pdbx_strand_id   A,B,C,D
#
# COMPACT_ATOMS: atom_id res chain seq x y z
N GLN A 25 -21.98 -9.87 49.84
CA GLN A 25 -22.30 -9.08 48.62
C GLN A 25 -21.01 -8.74 47.81
N ARG A 26 -20.80 -9.45 46.70
CA ARG A 26 -19.63 -9.32 45.78
C ARG A 26 -19.88 -8.31 44.67
N ILE A 27 -18.82 -7.82 44.04
CA ILE A 27 -18.94 -6.80 42.99
C ILE A 27 -19.46 -7.43 41.67
N LYS A 28 -20.55 -6.86 41.16
CA LYS A 28 -21.12 -7.21 39.86
C LYS A 28 -20.37 -6.41 38.76
N ARG A 29 -19.99 -7.10 37.68
CA ARG A 29 -19.23 -6.43 36.63
C ARG A 29 -19.64 -6.88 35.22
N VAL A 30 -19.74 -5.91 34.31
CA VAL A 30 -19.93 -6.20 32.89
C VAL A 30 -18.82 -5.48 32.11
N ILE A 31 -17.93 -6.27 31.50
CA ILE A 31 -16.74 -5.75 30.88
C ILE A 31 -16.73 -6.20 29.45
N GLY A 32 -16.65 -5.25 28.52
CA GLY A 32 -16.61 -5.58 27.10
C GLY A 32 -15.20 -5.84 26.62
N ASN A 33 -15.03 -6.93 25.90
CA ASN A 33 -13.76 -7.21 25.27
C ASN A 33 -13.98 -6.94 23.81
N TRP A 34 -13.50 -5.81 23.34
CA TRP A 34 -13.62 -5.47 21.91
C TRP A 34 -12.83 -6.37 20.99
N LYS A 35 -11.82 -7.09 21.52
CA LYS A 35 -10.90 -7.88 20.72
C LYS A 35 -10.30 -6.96 19.67
N MET A 36 -9.99 -7.44 18.48
CA MET A 36 -9.26 -6.63 17.53
C MET A 36 -10.21 -5.95 16.57
N HIS A 37 -10.94 -4.99 17.11
CA HIS A 37 -11.92 -4.18 16.41
C HIS A 37 -11.76 -2.74 16.84
N GLY A 38 -12.03 -1.81 15.93
CA GLY A 38 -12.12 -0.42 16.27
C GLY A 38 -11.11 0.47 15.56
N ARG A 39 -11.59 1.64 15.19
CA ARG A 39 -10.81 2.73 14.62
C ARG A 39 -11.28 3.99 15.33
N LEU A 40 -10.49 5.06 15.26
CA LEU A 40 -10.76 6.28 16.05
C LEU A 40 -12.22 6.73 16.01
N SER A 41 -12.79 6.88 14.82
CA SER A 41 -14.10 7.54 14.80
C SER A 41 -15.23 6.60 15.23
N GLY A 42 -15.18 5.33 14.86
CA GLY A 42 -16.12 4.32 15.41
C GLY A 42 -15.99 4.12 16.94
N ASN A 43 -14.75 4.17 17.46
CA ASN A 43 -14.50 4.12 18.90
C ASN A 43 -15.18 5.30 19.61
N GLN A 44 -15.07 6.50 19.05
CA GLN A 44 -15.71 7.65 19.67
C GLN A 44 -17.24 7.50 19.71
N ALA A 45 -17.82 6.99 18.64
CA ALA A 45 -19.28 6.76 18.62
C ALA A 45 -19.68 5.75 19.70
N LEU A 46 -19.02 4.58 19.74
CA LEU A 46 -19.36 3.53 20.74
C LEU A 46 -19.17 4.00 22.17
N LEU A 47 -18.06 4.71 22.41
CA LEU A 47 -17.73 5.22 23.74
C LEU A 47 -18.73 6.27 24.20
N THR A 48 -19.17 7.17 23.31
CA THR A 48 -20.19 8.20 23.70
C THR A 48 -21.51 7.55 24.00
N GLU A 49 -21.97 6.67 23.13
CA GLU A 49 -23.22 5.95 23.37
C GLU A 49 -23.21 5.18 24.68
N VAL A 50 -22.11 4.46 24.94
CA VAL A 50 -22.03 3.64 26.15
C VAL A 50 -22.00 4.51 27.39
N ALA A 51 -21.19 5.58 27.38
CA ALA A 51 -21.10 6.50 28.51
C ALA A 51 -22.49 7.14 28.81
N GLN A 52 -23.20 7.56 27.76
CA GLN A 52 -24.52 8.19 27.92
C GLN A 52 -25.53 7.16 28.44
N GLY A 53 -25.55 5.96 27.86
CA GLY A 53 -26.49 4.89 28.30
C GLY A 53 -26.21 4.34 29.69
N ALA A 54 -24.95 4.41 30.11
CA ALA A 54 -24.54 3.85 31.39
C ALA A 54 -25.22 4.56 32.57
N GLN A 55 -25.61 5.81 32.37
CA GLN A 55 -26.30 6.61 33.40
C GLN A 55 -27.61 5.96 33.87
N ALA A 56 -28.24 5.17 32.99
CA ALA A 56 -29.49 4.46 33.27
C ALA A 56 -29.33 3.04 33.85
N VAL A 57 -28.10 2.53 34.00
CA VAL A 57 -27.89 1.19 34.53
C VAL A 57 -27.84 1.27 36.04
N HIS A 58 -28.36 0.26 36.73
CA HIS A 58 -28.36 0.25 38.20
C HIS A 58 -26.95 0.47 38.67
N ASP A 59 -26.82 1.21 39.77
CA ASP A 59 -25.52 1.70 40.20
C ASP A 59 -24.60 0.66 40.84
N ASN A 60 -25.08 -0.54 41.07
CA ASN A 60 -24.17 -1.57 41.57
C ASN A 60 -23.40 -2.31 40.44
N VAL A 61 -23.66 -2.00 39.17
CA VAL A 61 -22.94 -2.67 38.09
C VAL A 61 -21.70 -1.90 37.66
N ALA A 62 -20.53 -2.49 37.86
CA ALA A 62 -19.29 -1.88 37.41
C ALA A 62 -19.08 -2.19 35.91
N ILE A 63 -19.12 -1.15 35.08
CA ILE A 63 -19.09 -1.27 33.63
C ILE A 63 -17.71 -0.84 33.14
N GLY A 64 -17.14 -1.66 32.24
CA GLY A 64 -15.81 -1.39 31.72
C GLY A 64 -15.64 -1.86 30.28
N VAL A 65 -14.67 -1.26 29.58
CA VAL A 65 -14.33 -1.69 28.23
C VAL A 65 -12.82 -1.91 28.09
N CYS A 66 -12.44 -3.04 27.50
CA CYS A 66 -11.05 -3.31 27.18
C CYS A 66 -10.75 -3.18 25.68
N VAL A 67 -9.91 -2.19 25.37
CA VAL A 67 -9.69 -1.70 24.04
C VAL A 67 -8.30 -2.09 23.52
N PRO A 68 -8.10 -2.06 22.19
CA PRO A 68 -6.78 -2.34 21.68
C PRO A 68 -5.75 -1.26 22.12
N PHE A 69 -4.50 -1.69 22.32
CA PHE A 69 -3.47 -0.84 22.92
C PHE A 69 -3.40 0.61 22.43
N PRO A 70 -3.39 0.84 21.12
CA PRO A 70 -3.19 2.21 20.64
C PRO A 70 -4.29 3.19 21.04
N TYR A 71 -5.43 2.67 21.48
CA TYR A 71 -6.62 3.51 21.77
C TYR A 71 -6.83 3.74 23.27
N LEU A 72 -5.88 3.31 24.08
CA LEU A 72 -5.98 3.61 25.53
C LEU A 72 -6.07 5.12 25.80
N ALA A 73 -5.30 5.93 25.07
CA ALA A 73 -5.30 7.36 25.29
C ALA A 73 -6.67 7.94 24.93
N GLN A 74 -7.25 7.43 23.85
CA GLN A 74 -8.59 7.84 23.42
C GLN A 74 -9.61 7.43 24.44
N ALA A 75 -9.55 6.21 24.95
CA ALA A 75 -10.52 5.76 25.94
C ALA A 75 -10.42 6.66 27.19
N GLN A 76 -9.20 6.92 27.66
CA GLN A 76 -9.05 7.82 28.80
C GLN A 76 -9.70 9.22 28.53
N ALA A 77 -9.37 9.84 27.39
CA ALA A 77 -9.83 11.21 27.09
C ALA A 77 -11.37 11.26 27.03
N GLN A 78 -11.98 10.21 26.52
CA GLN A 78 -13.39 10.15 26.41
C GLN A 78 -14.16 9.72 27.69
N LEU A 79 -13.59 8.84 28.51
CA LEU A 79 -14.33 8.27 29.65
C LEU A 79 -13.97 8.80 31.04
N GLN A 80 -12.81 9.43 31.15
CA GLN A 80 -12.30 10.00 32.41
C GLN A 80 -13.38 10.76 33.19
N GLY A 81 -13.45 10.52 34.49
CA GLY A 81 -14.42 11.17 35.35
C GLY A 81 -15.78 10.52 35.39
N GLY A 82 -16.06 9.55 34.50
CA GLY A 82 -17.38 8.90 34.43
C GLY A 82 -17.42 7.56 35.13
N ARG A 83 -18.51 6.81 34.96
CA ARG A 83 -18.61 5.50 35.63
C ARG A 83 -18.12 4.31 34.82
N VAL A 84 -17.74 4.56 33.56
CA VAL A 84 -17.22 3.51 32.70
C VAL A 84 -15.71 3.45 32.80
N SER A 85 -15.18 2.31 33.27
CA SER A 85 -13.73 2.05 33.28
C SER A 85 -13.20 1.52 31.96
N TRP A 86 -11.88 1.52 31.79
CA TRP A 86 -11.26 0.94 30.60
C TRP A 86 -10.00 0.11 30.95
N GLY A 87 -9.50 -0.65 29.98
CA GLY A 87 -8.39 -1.58 30.21
C GLY A 87 -7.78 -2.10 28.92
N SER A 88 -6.69 -2.86 29.06
CA SER A 88 -6.07 -3.53 27.91
C SER A 88 -6.56 -4.97 27.80
N GLN A 89 -6.20 -5.59 26.70
CA GLN A 89 -6.62 -6.97 26.44
C GLN A 89 -5.49 -7.96 26.76
N ASP A 90 -4.34 -7.44 27.23
CA ASP A 90 -3.15 -8.26 27.57
C ASP A 90 -2.16 -7.34 28.30
N VAL A 91 -1.19 -7.95 28.99
CA VAL A 91 0.05 -7.25 29.39
C VAL A 91 1.20 -8.25 29.34
N SER A 92 2.43 -7.75 29.23
CA SER A 92 3.59 -8.61 29.26
C SER A 92 3.75 -9.34 30.58
N ALA A 93 4.44 -10.48 30.53
CA ALA A 93 4.89 -11.19 31.71
C ALA A 93 6.08 -10.50 32.41
N HIS A 94 6.68 -9.51 31.76
CA HIS A 94 7.84 -8.79 32.32
C HIS A 94 7.57 -7.33 32.44
N GLU A 95 8.39 -6.62 33.19
CA GLU A 95 8.21 -5.19 33.45
C GLU A 95 8.93 -4.37 32.33
N GLN A 96 10.03 -4.91 31.81
CA GLN A 96 10.73 -4.29 30.71
C GLN A 96 11.67 -5.27 30.05
N GLY A 97 12.11 -4.94 28.84
CA GLY A 97 13.19 -5.70 28.19
C GLY A 97 13.05 -6.00 26.70
N ALA A 98 13.82 -6.98 26.28
CA ALA A 98 14.03 -7.34 24.87
C ALA A 98 12.88 -8.27 24.45
N TYR A 99 11.67 -7.69 24.38
CA TYR A 99 10.43 -8.39 24.08
C TYR A 99 9.66 -7.59 23.00
N THR A 100 10.24 -7.57 21.79
CA THR A 100 9.69 -6.74 20.73
C THR A 100 8.19 -6.97 20.57
N GLY A 101 7.44 -5.88 20.50
CA GLY A 101 5.98 -5.91 20.32
C GLY A 101 5.11 -6.00 21.59
N GLU A 102 5.70 -6.40 22.71
CA GLU A 102 4.96 -6.55 23.96
C GLU A 102 4.77 -5.22 24.69
N VAL A 103 3.67 -5.14 25.44
CA VAL A 103 3.35 -3.96 26.20
C VAL A 103 3.32 -4.25 27.67
N ALA A 104 4.04 -3.43 28.45
CA ALA A 104 4.14 -3.64 29.89
C ALA A 104 2.91 -3.11 30.61
N ALA A 105 2.55 -3.78 31.70
CA ALA A 105 1.47 -3.34 32.58
C ALA A 105 1.66 -1.87 32.98
N GLY A 106 2.90 -1.51 33.30
CA GLY A 106 3.23 -0.09 33.61
C GLY A 106 2.87 0.91 32.53
N MET A 107 2.89 0.47 31.27
CA MET A 107 2.53 1.36 30.17
C MET A 107 1.01 1.58 30.20
N VAL A 108 0.25 0.51 30.38
CA VAL A 108 -1.17 0.56 30.30
C VAL A 108 -1.63 1.42 31.46
N ALA A 109 -1.09 1.17 32.65
CA ALA A 109 -1.46 1.95 33.85
C ALA A 109 -1.33 3.49 33.65
N GLU A 110 -0.37 3.96 32.86
CA GLU A 110 -0.16 5.42 32.71
C GLU A 110 -1.34 6.09 32.02
N PHE A 111 -2.23 5.32 31.41
CA PHE A 111 -3.41 5.90 30.78
C PHE A 111 -4.65 5.78 31.61
N GLY A 112 -4.48 5.57 32.92
CA GLY A 112 -5.61 5.53 33.88
C GLY A 112 -6.47 4.29 33.75
N ALA A 113 -5.96 3.27 33.05
CA ALA A 113 -6.69 1.99 32.91
C ALA A 113 -6.89 1.38 34.30
N ALA A 114 -8.03 0.72 34.46
CA ALA A 114 -8.32 -0.06 35.67
C ALA A 114 -8.05 -1.56 35.48
N TYR A 115 -8.16 -2.05 34.25
CA TYR A 115 -8.10 -3.50 34.00
C TYR A 115 -7.02 -3.98 33.00
N ALA A 116 -6.64 -5.26 33.11
CA ALA A 116 -5.96 -5.94 32.02
C ALA A 116 -6.52 -7.36 31.91
N ILE A 117 -7.00 -7.80 30.74
CA ILE A 117 -7.35 -9.21 30.52
C ILE A 117 -6.03 -9.99 30.46
N VAL A 118 -5.93 -11.11 31.17
CA VAL A 118 -4.74 -11.97 31.04
C VAL A 118 -5.18 -13.43 30.85
N GLY A 119 -4.52 -14.15 29.95
CA GLY A 119 -4.80 -15.57 29.74
C GLY A 119 -6.07 -15.85 28.97
N HIS A 120 -6.55 -14.90 28.15
CA HIS A 120 -7.69 -15.18 27.26
C HIS A 120 -7.39 -16.39 26.43
N SER A 121 -8.42 -17.19 26.19
CA SER A 121 -8.24 -18.45 25.44
C SER A 121 -7.61 -18.21 24.09
N GLU A 122 -7.96 -17.09 23.45
CA GLU A 122 -7.33 -16.80 22.16
C GLU A 122 -5.83 -16.66 22.31
N ARG A 123 -5.38 -16.16 23.44
CA ARG A 123 -3.92 -16.01 23.60
C ARG A 123 -3.26 -17.31 24.06
N ARG A 124 -3.93 -18.08 24.91
CA ARG A 124 -3.40 -19.39 25.26
C ARG A 124 -3.33 -20.29 24.01
N ALA A 125 -4.28 -20.16 23.10
CA ALA A 125 -4.25 -21.01 21.90
C ALA A 125 -3.30 -20.41 20.86
N TYR A 126 -3.59 -19.23 20.36
CA TYR A 126 -2.78 -18.68 19.25
C TYR A 126 -1.36 -18.21 19.61
N HIS A 127 -1.13 -17.82 20.86
CA HIS A 127 0.21 -17.37 21.28
C HIS A 127 0.91 -18.31 22.21
N GLY A 128 0.30 -19.45 22.52
CA GLY A 128 1.00 -20.48 23.33
C GLY A 128 1.25 -20.08 24.79
N GLU A 129 0.43 -19.21 25.36
CA GLU A 129 0.67 -18.74 26.73
C GLU A 129 0.34 -19.86 27.71
N SER A 130 1.32 -20.24 28.52
CA SER A 130 1.17 -21.31 29.51
C SER A 130 0.50 -20.80 30.80
N ASN A 131 0.08 -21.74 31.65
CA ASN A 131 -0.50 -21.40 32.97
C ASN A 131 0.39 -20.46 33.77
N GLU A 132 1.71 -20.72 33.74
CA GLU A 132 2.69 -20.00 34.50
C GLU A 132 2.94 -18.60 33.94
N THR A 133 2.94 -18.49 32.62
CA THR A 133 3.03 -17.20 31.97
C THR A 133 1.84 -16.32 32.36
N VAL A 134 0.65 -16.90 32.38
CA VAL A 134 -0.53 -16.14 32.76
C VAL A 134 -0.41 -15.67 34.22
N ALA A 135 0.23 -16.50 35.06
CA ALA A 135 0.35 -16.17 36.49
C ALA A 135 1.27 -14.97 36.58
N ALA A 136 2.37 -14.99 35.83
CA ALA A 136 3.28 -13.83 35.81
C ALA A 136 2.54 -12.58 35.31
N LYS A 137 1.68 -12.73 34.31
CA LYS A 137 0.96 -11.55 33.78
C LYS A 137 0.04 -10.94 34.84
N ALA A 138 -0.66 -11.80 35.58
CA ALA A 138 -1.49 -11.36 36.67
C ALA A 138 -0.70 -10.52 37.67
N ARG A 139 0.47 -11.01 38.05
CA ARG A 139 1.33 -10.34 39.03
C ARG A 139 1.77 -8.99 38.51
N ARG A 140 2.24 -8.93 37.26
CA ARG A 140 2.63 -7.66 36.65
CA ARG A 140 2.62 -7.66 36.64
C ARG A 140 1.45 -6.67 36.65
N ALA A 141 0.24 -7.14 36.34
CA ALA A 141 -0.93 -6.27 36.37
C ALA A 141 -1.12 -5.65 37.77
N LEU A 142 -1.09 -6.51 38.79
CA LEU A 142 -1.27 -6.05 40.16
C LEU A 142 -0.17 -5.05 40.59
N ALA A 143 1.06 -5.37 40.27
CA ALA A 143 2.19 -4.55 40.64
C ALA A 143 2.06 -3.13 40.04
N ALA A 144 1.45 -3.04 38.86
CA ALA A 144 1.26 -1.77 38.16
C ALA A 144 -0.01 -1.06 38.57
N GLY A 145 -0.84 -1.69 39.40
CA GLY A 145 -2.08 -1.05 39.87
C GLY A 145 -3.30 -1.31 39.03
N LEU A 146 -3.25 -2.37 38.24
CA LEU A 146 -4.39 -2.81 37.48
C LEU A 146 -5.09 -4.02 38.10
N THR A 147 -6.35 -4.20 37.81
CA THR A 147 -7.08 -5.43 38.17
C THR A 147 -7.00 -6.40 36.98
N PRO A 148 -6.31 -7.52 37.16
CA PRO A 148 -6.25 -8.48 36.11
C PRO A 148 -7.54 -9.27 35.98
N ILE A 149 -8.01 -9.49 34.76
CA ILE A 149 -9.17 -10.38 34.55
C ILE A 149 -8.57 -11.69 34.08
N VAL A 150 -8.48 -12.64 34.99
CA VAL A 150 -7.76 -13.88 34.76
C VAL A 150 -8.70 -14.94 34.13
N CYS A 151 -8.41 -15.30 32.88
CA CYS A 151 -9.29 -16.15 32.12
C CYS A 151 -8.85 -17.61 32.24
N VAL A 152 -9.81 -18.48 32.46
CA VAL A 152 -9.58 -19.94 32.50
C VAL A 152 -10.63 -20.61 31.65
N GLY A 153 -10.36 -21.83 31.20
CA GLY A 153 -11.31 -22.53 30.34
C GLY A 153 -10.78 -23.77 29.68
N GLU A 154 -11.65 -24.77 29.49
CA GLU A 154 -11.22 -26.05 28.94
C GLU A 154 -11.70 -26.23 27.49
N THR A 155 -10.93 -26.95 26.70
CA THR A 155 -11.33 -27.29 25.32
C THR A 155 -12.35 -28.46 25.27
N LEU A 156 -12.94 -28.66 24.08
CA LEU A 156 -13.82 -29.80 23.83
C LEU A 156 -13.15 -31.14 24.16
N ALA A 157 -11.93 -31.35 23.65
CA ALA A 157 -11.20 -32.59 23.94
C ALA A 157 -11.07 -32.79 25.43
N GLU A 158 -10.81 -31.71 26.16
CA GLU A 158 -10.59 -31.78 27.59
C GLU A 158 -11.89 -32.13 28.30
N ARG A 159 -12.97 -31.49 27.88
CA ARG A 159 -14.26 -31.70 28.51
C ARG A 159 -14.71 -33.14 28.27
N GLU A 160 -14.56 -33.63 27.03
CA GLU A 160 -15.00 -35.00 26.69
C GLU A 160 -14.13 -36.06 27.32
N ALA A 161 -12.90 -35.68 27.71
CA ALA A 161 -12.05 -36.59 28.43
C ALA A 161 -12.33 -36.56 29.93
N GLY A 162 -13.36 -35.83 30.36
CA GLY A 162 -13.68 -35.71 31.78
C GLY A 162 -12.71 -34.87 32.64
N THR A 163 -11.91 -34.01 32.01
CA THR A 163 -10.89 -33.25 32.75
C THR A 163 -11.18 -31.74 32.96
N THR A 164 -12.45 -31.31 32.84
CA THR A 164 -12.80 -29.91 33.08
C THR A 164 -12.21 -29.32 34.37
N GLU A 165 -12.42 -30.02 35.49
CA GLU A 165 -11.96 -29.55 36.79
C GLU A 165 -10.46 -29.59 36.93
N GLN A 166 -9.82 -30.66 36.46
CA GLN A 166 -8.36 -30.74 36.51
C GLN A 166 -7.77 -29.56 35.73
N VAL A 167 -8.36 -29.21 34.58
CA VAL A 167 -7.76 -28.20 33.71
C VAL A 167 -7.94 -26.79 34.23
N VAL A 168 -9.18 -26.40 34.49
CA VAL A 168 -9.45 -25.04 34.92
C VAL A 168 -8.94 -24.85 36.34
N GLY A 169 -8.95 -25.93 37.12
CA GLY A 169 -8.31 -25.92 38.43
C GLY A 169 -6.82 -25.67 38.36
N ALA A 170 -6.12 -26.34 37.42
CA ALA A 170 -4.68 -26.14 37.32
C ALA A 170 -4.41 -24.67 36.84
N GLN A 171 -5.25 -24.18 35.95
CA GLN A 171 -5.07 -22.83 35.42
C GLN A 171 -5.18 -21.80 36.52
N LEU A 172 -6.18 -21.96 37.38
CA LEU A 172 -6.43 -21.00 38.45
C LEU A 172 -5.38 -21.17 39.55
N ASP A 173 -5.09 -22.42 39.91
CA ASP A 173 -4.08 -22.67 40.93
C ASP A 173 -2.71 -22.06 40.59
N ALA A 174 -2.34 -22.06 39.33
CA ALA A 174 -1.06 -21.54 38.91
C ALA A 174 -0.98 -20.04 39.25
N VAL A 175 -2.11 -19.32 39.07
CA VAL A 175 -2.19 -17.92 39.39
C VAL A 175 -2.24 -17.72 40.90
N LEU A 176 -3.13 -18.43 41.58
CA LEU A 176 -3.21 -18.26 43.05
C LEU A 176 -1.88 -18.61 43.74
N ALA A 177 -1.14 -19.59 43.20
CA ALA A 177 0.11 -20.05 43.86
C ALA A 177 1.18 -18.96 43.92
N VAL A 178 1.15 -17.94 43.08
CA VAL A 178 2.17 -16.90 43.11
C VAL A 178 1.73 -15.63 43.83
N LEU A 179 0.53 -15.66 44.41
CA LEU A 179 -0.04 -14.53 45.18
C LEU A 179 -0.30 -14.87 46.65
N SER A 180 -0.13 -13.87 47.50
CA SER A 180 -0.64 -13.95 48.86
C SER A 180 -2.16 -13.81 48.81
N PRO A 181 -2.85 -14.20 49.86
CA PRO A 181 -4.30 -14.04 49.91
C PRO A 181 -4.76 -12.60 49.70
N ASP A 182 -4.05 -11.64 50.29
CA ASP A 182 -4.42 -10.27 50.13
C ASP A 182 -4.24 -9.83 48.68
N GLU A 183 -3.22 -10.36 47.98
CA GLU A 183 -3.08 -10.07 46.57
C GLU A 183 -4.17 -10.75 45.75
N ALA A 184 -4.48 -11.99 46.10
CA ALA A 184 -5.48 -12.79 45.37
C ALA A 184 -6.85 -12.13 45.46
N ALA A 185 -7.14 -11.44 46.57
CA ALA A 185 -8.42 -10.78 46.80
C ALA A 185 -8.70 -9.69 45.77
N ARG A 186 -7.67 -9.28 45.05
CA ARG A 186 -7.76 -8.16 44.13
C ARG A 186 -8.02 -8.62 42.67
N ILE A 187 -8.02 -9.90 42.40
CA ILE A 187 -8.22 -10.33 41.02
C ILE A 187 -9.69 -10.44 40.67
N VAL A 188 -9.92 -10.50 39.36
CA VAL A 188 -11.19 -10.97 38.78
C VAL A 188 -10.87 -12.24 38.01
N VAL A 189 -11.78 -13.21 38.02
CA VAL A 189 -11.65 -14.42 37.25
C VAL A 189 -12.81 -14.54 36.27
N ALA A 190 -12.52 -15.01 35.05
CA ALA A 190 -13.49 -15.21 34.01
C ALA A 190 -13.43 -16.63 33.47
N TYR A 191 -14.59 -17.30 33.36
CA TYR A 191 -14.64 -18.67 32.80
C TYR A 191 -15.10 -18.62 31.35
N GLU A 192 -14.26 -19.16 30.48
CA GLU A 192 -14.57 -19.29 29.07
C GLU A 192 -14.81 -20.78 28.68
N PRO A 193 -16.04 -21.12 28.27
CA PRO A 193 -16.29 -22.48 27.81
C PRO A 193 -15.82 -22.68 26.38
N VAL A 194 -14.51 -22.85 26.23
CA VAL A 194 -13.90 -22.90 24.92
C VAL A 194 -14.52 -24.04 24.13
N TRP A 195 -14.86 -25.10 24.82
CA TRP A 195 -15.57 -26.25 24.23
C TRP A 195 -16.87 -25.97 23.56
N ALA A 196 -17.51 -24.86 23.88
CA ALA A 196 -18.76 -24.44 23.26
C ALA A 196 -18.62 -23.26 22.31
N ILE A 197 -17.41 -22.91 21.88
CA ILE A 197 -17.20 -21.72 21.04
C ILE A 197 -16.71 -22.24 19.68
N GLY A 198 -17.63 -22.27 18.72
CA GLY A 198 -17.28 -22.66 17.37
C GLY A 198 -16.97 -24.14 17.19
N THR A 199 -17.50 -25.00 18.04
CA THR A 199 -17.23 -26.42 18.00
C THR A 199 -18.42 -27.28 17.55
N GLY A 200 -19.62 -26.69 17.55
CA GLY A 200 -20.86 -27.40 17.34
C GLY A 200 -21.66 -27.74 18.59
N LYS A 201 -21.06 -27.63 19.75
CA LYS A 201 -21.76 -27.75 21.04
C LYS A 201 -22.05 -26.37 21.60
N SER A 202 -23.08 -26.26 22.45
CA SER A 202 -23.43 -25.05 23.12
C SER A 202 -23.58 -25.25 24.62
N ALA A 203 -23.33 -24.19 25.39
CA ALA A 203 -23.44 -24.23 26.85
C ALA A 203 -24.79 -23.71 27.39
N THR A 204 -25.31 -24.37 28.42
CA THR A 204 -26.44 -23.90 29.21
C THR A 204 -26.00 -23.08 30.44
N ALA A 205 -26.91 -22.28 30.98
CA ALA A 205 -26.66 -21.55 32.22
C ALA A 205 -26.27 -22.49 33.36
N GLU A 206 -26.88 -23.66 33.42
CA GLU A 206 -26.62 -24.63 34.48
C GLU A 206 -25.21 -25.22 34.36
N GLN A 207 -24.77 -25.48 33.14
CA GLN A 207 -23.41 -25.96 32.90
C GLN A 207 -22.36 -24.90 33.29
N ALA A 208 -22.70 -23.63 33.03
CA ALA A 208 -21.86 -22.52 33.44
C ALA A 208 -21.75 -22.49 34.97
N GLN A 209 -22.90 -22.55 35.65
CA GLN A 209 -22.97 -22.48 37.13
C GLN A 209 -22.16 -23.61 37.76
N GLN A 210 -22.20 -24.78 37.16
CA GLN A 210 -21.47 -25.92 37.70
C GLN A 210 -19.97 -25.62 37.78
N VAL A 211 -19.39 -25.03 36.73
CA VAL A 211 -17.95 -24.69 36.73
C VAL A 211 -17.64 -23.50 37.67
N HIS A 212 -18.51 -22.49 37.64
CA HIS A 212 -18.36 -21.34 38.52
C HIS A 212 -18.37 -21.77 39.97
N ALA A 213 -19.24 -22.73 40.35
CA ALA A 213 -19.26 -23.25 41.73
C ALA A 213 -17.95 -23.93 42.09
N PHE A 214 -17.42 -24.70 41.16
CA PHE A 214 -16.11 -25.32 41.36
C PHE A 214 -15.03 -24.25 41.58
N LEU A 215 -15.01 -23.22 40.73
CA LEU A 215 -13.99 -22.18 40.80
C LEU A 215 -14.13 -21.35 42.07
N ARG A 216 -15.38 -21.09 42.48
CA ARG A 216 -15.64 -20.39 43.74
C ARG A 216 -15.03 -21.13 44.94
N GLY A 217 -15.11 -22.45 44.95
CA GLY A 217 -14.56 -23.24 46.03
C GLY A 217 -13.04 -23.16 46.11
N ARG A 218 -12.39 -23.09 44.95
CA ARG A 218 -10.97 -22.92 44.94
C ARG A 218 -10.55 -21.52 45.43
N LEU A 219 -11.29 -20.53 45.00
CA LEU A 219 -11.07 -19.19 45.48
C LEU A 219 -11.25 -19.10 47.02
N ALA A 220 -12.31 -19.71 47.55
CA ALA A 220 -12.55 -19.68 49.00
C ALA A 220 -11.40 -20.33 49.78
N ALA A 221 -10.91 -21.46 49.27
CA ALA A 221 -9.81 -22.15 49.94
C ALA A 221 -8.58 -21.27 50.03
N LYS A 222 -8.40 -20.37 49.08
CA LYS A 222 -7.28 -19.42 49.13
C LYS A 222 -7.54 -18.23 50.05
N GLY A 223 -8.80 -18.01 50.44
CA GLY A 223 -9.19 -16.79 51.16
C GLY A 223 -9.53 -15.65 50.20
N ALA A 224 -9.98 -15.99 48.99
CA ALA A 224 -10.36 -14.99 48.01
C ALA A 224 -11.79 -15.26 47.49
N GLY A 225 -12.66 -15.69 48.40
CA GLY A 225 -13.99 -16.15 48.01
C GLY A 225 -14.95 -15.10 47.50
N HIS A 226 -14.61 -13.84 47.74
CA HIS A 226 -15.45 -12.71 47.34
CA HIS A 226 -15.46 -12.70 47.35
C HIS A 226 -15.18 -12.19 45.95
N VAL A 227 -14.17 -12.75 45.30
CA VAL A 227 -13.71 -12.30 43.97
C VAL A 227 -14.82 -12.44 42.90
N SER A 228 -14.94 -11.46 42.02
CA SER A 228 -15.96 -11.51 40.99
C SER A 228 -15.61 -12.61 39.99
N LEU A 229 -16.58 -13.47 39.70
CA LEU A 229 -16.45 -14.54 38.74
C LEU A 229 -17.37 -14.25 37.56
N LEU A 230 -16.78 -13.93 36.42
CA LEU A 230 -17.55 -13.50 35.27
C LEU A 230 -17.64 -14.62 34.26
N TYR A 231 -18.80 -14.73 33.60
CA TYR A 231 -18.98 -15.71 32.56
C TYR A 231 -18.50 -15.12 31.27
N GLY A 232 -17.65 -15.87 30.55
CA GLY A 232 -17.03 -15.38 29.34
C GLY A 232 -17.34 -16.19 28.09
N GLY A 233 -18.41 -16.97 28.12
CA GLY A 233 -18.94 -17.58 26.93
C GLY A 233 -19.78 -16.58 26.18
N SER A 234 -20.59 -17.07 25.25
CA SER A 234 -21.44 -16.21 24.44
C SER A 234 -22.54 -15.53 25.24
N VAL A 235 -22.45 -14.21 25.39
CA VAL A 235 -23.46 -13.47 26.15
C VAL A 235 -24.10 -12.46 25.22
N LYS A 236 -25.41 -12.55 25.11
CA LYS A 236 -26.18 -11.72 24.20
C LYS A 236 -27.32 -11.08 25.03
N ALA A 237 -27.94 -10.03 24.53
CA ALA A 237 -29.06 -9.33 25.21
C ALA A 237 -30.16 -10.29 25.67
N ASP A 238 -30.44 -11.32 24.86
CA ASP A 238 -31.51 -12.28 25.19
C ASP A 238 -31.20 -13.34 26.24
N ASN A 239 -29.92 -13.55 26.61
CA ASN A 239 -29.57 -14.60 27.60
C ASN A 239 -28.87 -14.08 28.87
N ALA A 240 -28.56 -12.79 28.89
CA ALA A 240 -27.86 -12.20 30.02
C ALA A 240 -28.57 -12.44 31.38
N ALA A 241 -29.88 -12.23 31.44
CA ALA A 241 -30.64 -12.33 32.72
C ALA A 241 -30.56 -13.73 33.31
N GLU A 242 -30.68 -14.74 32.45
CA GLU A 242 -30.59 -16.14 32.89
C GLU A 242 -29.19 -16.48 33.42
N LEU A 243 -28.16 -16.02 32.71
CA LEU A 243 -26.78 -16.33 33.07
C LEU A 243 -26.43 -15.63 34.38
N PHE A 244 -26.69 -14.33 34.45
CA PHE A 244 -26.29 -13.54 35.62
C PHE A 244 -27.13 -13.84 36.86
N GLY A 245 -28.27 -14.49 36.67
CA GLY A 245 -29.11 -14.94 37.79
C GLY A 245 -28.53 -16.12 38.56
N GLN A 246 -27.56 -16.82 37.97
CA GLN A 246 -26.96 -17.96 38.64
C GLN A 246 -26.16 -17.50 39.85
N PRO A 247 -26.12 -18.34 40.90
CA PRO A 247 -25.59 -17.82 42.16
C PRO A 247 -24.09 -17.52 42.17
N ASP A 248 -23.31 -18.19 41.33
CA ASP A 248 -21.87 -17.91 41.33
C ASP A 248 -21.38 -17.15 40.08
N ILE A 249 -22.31 -16.61 39.30
CA ILE A 249 -21.97 -15.82 38.11
C ILE A 249 -22.24 -14.37 38.46
N ASP A 250 -21.18 -13.57 38.57
CA ASP A 250 -21.22 -12.19 39.04
C ASP A 250 -21.27 -11.16 37.92
N GLY A 251 -21.40 -11.62 36.69
CA GLY A 251 -21.42 -10.73 35.55
C GLY A 251 -20.79 -11.40 34.33
N GLY A 252 -20.30 -10.59 33.41
CA GLY A 252 -19.76 -11.12 32.15
C GLY A 252 -18.58 -10.37 31.58
N LEU A 253 -17.74 -11.12 30.86
CA LEU A 253 -16.72 -10.60 29.94
C LEU A 253 -17.28 -10.79 28.55
N ILE A 254 -17.76 -9.70 27.95
CA ILE A 254 -18.63 -9.77 26.77
C ILE A 254 -17.82 -9.65 25.49
N GLY A 255 -18.09 -10.52 24.53
CA GLY A 255 -17.43 -10.47 23.22
C GLY A 255 -18.13 -9.55 22.20
N GLY A 256 -18.66 -10.15 21.13
CA GLY A 256 -19.23 -9.42 19.99
C GLY A 256 -20.30 -8.39 20.33
N ALA A 257 -21.12 -8.69 21.33
CA ALA A 257 -22.16 -7.76 21.77
C ALA A 257 -21.57 -6.49 22.33
N SER A 258 -20.32 -6.52 22.74
CA SER A 258 -19.71 -5.28 23.27
C SER A 258 -19.46 -4.26 22.15
N LEU A 259 -19.54 -4.68 20.88
CA LEU A 259 -19.38 -3.74 19.77
C LEU A 259 -20.62 -2.88 19.36
N LYS A 260 -21.82 -3.17 19.88
CA LYS A 260 -23.06 -2.40 19.51
C LYS A 260 -23.66 -1.86 20.82
N SER A 261 -23.68 -0.55 21.01
CA SER A 261 -24.01 0.01 22.33
C SER A 261 -25.34 -0.48 22.89
N GLY A 262 -26.33 -0.67 22.03
CA GLY A 262 -27.66 -1.11 22.50
C GLY A 262 -27.59 -2.49 23.15
N ASP A 263 -26.89 -3.41 22.50
CA ASP A 263 -26.75 -4.75 23.05
C ASP A 263 -25.93 -4.77 24.33
N PHE A 264 -24.87 -3.98 24.36
CA PHE A 264 -23.96 -3.97 25.52
C PHE A 264 -24.65 -3.42 26.75
N LEU A 265 -25.40 -2.34 26.57
CA LEU A 265 -26.14 -1.72 27.67
C LEU A 265 -27.28 -2.62 28.14
N ALA A 266 -27.94 -3.28 27.20
CA ALA A 266 -28.94 -4.28 27.56
C ALA A 266 -28.33 -5.32 28.51
N ILE A 267 -27.13 -5.82 28.16
CA ILE A 267 -26.44 -6.79 28.99
C ILE A 267 -26.08 -6.16 30.35
N CYS A 268 -25.59 -4.90 30.36
CA CYS A 268 -25.24 -4.24 31.61
C CYS A 268 -26.45 -4.11 32.55
N ARG A 269 -27.62 -3.75 32.00
CA ARG A 269 -28.83 -3.62 32.80
C ARG A 269 -29.26 -4.94 33.42
N ALA A 270 -29.05 -6.06 32.71
CA ALA A 270 -29.46 -7.36 33.21
C ALA A 270 -28.61 -7.86 34.38
N ALA A 271 -27.52 -7.18 34.69
CA ALA A 271 -26.64 -7.60 35.77
C ALA A 271 -27.06 -7.01 37.14
N LYS A 272 -28.09 -6.16 37.16
CA LYS A 272 -28.68 -5.65 38.44
C LYS A 272 -28.70 -6.75 39.53
N GLN B 25 20.67 4.83 -6.71
CA GLN B 25 20.96 4.51 -5.27
C GLN B 25 19.65 4.18 -4.47
N ARG B 26 19.81 3.25 -3.53
CA ARG B 26 18.75 2.75 -2.64
C ARG B 26 18.63 3.63 -1.39
N ILE B 27 17.50 3.51 -0.68
CA ILE B 27 17.22 4.34 0.50
C ILE B 27 18.03 3.85 1.72
N LYS B 28 18.82 4.77 2.29
CA LYS B 28 19.61 4.52 3.54
C LYS B 28 18.70 4.79 4.77
N ARG B 29 18.68 3.87 5.72
CA ARG B 29 17.73 3.98 6.84
C ARG B 29 18.33 3.56 8.16
N VAL B 30 18.02 4.33 9.22
CA VAL B 30 18.38 3.93 10.57
C VAL B 30 17.13 4.03 11.42
N ILE B 31 16.70 2.89 11.92
CA ILE B 31 15.45 2.76 12.57
C ILE B 31 15.67 2.11 13.92
N GLY B 32 15.22 2.81 14.95
CA GLY B 32 15.38 2.32 16.32
C GLY B 32 14.25 1.43 16.76
N ASN B 33 14.59 0.28 17.30
CA ASN B 33 13.58 -0.60 17.86
C ASN B 33 13.71 -0.47 19.37
N TRP B 34 12.81 0.28 19.98
CA TRP B 34 12.85 0.44 21.41
C TRP B 34 12.60 -0.81 22.19
N LYS B 35 11.97 -1.81 21.55
CA LYS B 35 11.48 -3.00 22.24
C LYS B 35 10.58 -2.58 23.41
N MET B 36 10.56 -3.28 24.52
CA MET B 36 9.57 -3.00 25.57
C MET B 36 10.15 -2.06 26.62
N HIS B 37 10.35 -0.83 26.18
CA HIS B 37 10.92 0.22 27.01
C HIS B 37 10.11 1.48 26.77
N GLY B 38 9.99 2.31 27.80
CA GLY B 38 9.46 3.62 27.65
C GLY B 38 8.21 3.87 28.45
N ARG B 39 8.15 5.08 29.00
CA ARG B 39 6.99 5.65 29.67
C ARG B 39 6.85 7.10 29.18
N LEU B 40 5.69 7.72 29.38
CA LEU B 40 5.38 9.00 28.76
C LEU B 40 6.53 10.02 28.89
N SER B 41 7.03 10.24 30.10
CA SER B 41 7.92 11.37 30.23
C SER B 41 9.32 11.08 29.70
N GLY B 42 9.82 9.86 29.89
CA GLY B 42 11.07 9.42 29.24
C GLY B 42 10.99 9.38 27.70
N ASN B 43 9.83 8.98 27.16
CA ASN B 43 9.58 9.02 25.73
C ASN B 43 9.68 10.43 25.19
N GLN B 44 9.09 11.39 25.91
CA GLN B 44 9.17 12.78 25.43
C GLN B 44 10.61 13.27 25.39
N ALA B 45 11.38 12.96 26.40
CA ALA B 45 12.78 13.35 26.46
C ALA B 45 13.56 12.76 25.27
N LEU B 46 13.45 11.45 25.05
CA LEU B 46 14.20 10.80 23.96
C LEU B 46 13.77 11.34 22.59
N LEU B 47 12.47 11.52 22.41
CA LEU B 47 11.91 11.98 21.16
C LEU B 47 12.38 13.41 20.87
N THR B 48 12.44 14.26 21.88
CA THR B 48 12.91 15.62 21.71
C THR B 48 14.35 15.64 21.30
N GLU B 49 15.18 14.93 22.04
CA GLU B 49 16.60 14.87 21.73
C GLU B 49 16.87 14.36 20.34
N VAL B 50 16.18 13.27 19.95
CA VAL B 50 16.39 12.69 18.65
C VAL B 50 15.93 13.66 17.55
N ALA B 51 14.75 14.26 17.70
CA ALA B 51 14.24 15.19 16.68
C ALA B 51 15.22 16.35 16.54
N GLN B 52 15.72 16.89 17.64
CA GLN B 52 16.61 18.05 17.59
C GLN B 52 17.92 17.64 16.94
N GLY B 53 18.49 16.51 17.34
CA GLY B 53 19.76 16.04 16.77
C GLY B 53 19.66 15.66 15.30
N ALA B 54 18.48 15.20 14.88
CA ALA B 54 18.27 14.69 13.51
C ALA B 54 18.46 15.79 12.47
N GLN B 55 18.26 17.04 12.89
CA GLN B 55 18.37 18.23 12.05
C GLN B 55 19.81 18.40 11.53
N ALA B 56 20.80 17.87 12.24
CA ALA B 56 22.21 17.94 11.85
C ALA B 56 22.72 16.72 11.06
N VAL B 57 21.91 15.68 10.91
CA VAL B 57 22.36 14.46 10.23
C VAL B 57 22.25 14.65 8.72
N HIS B 58 23.16 14.03 7.94
CA HIS B 58 23.10 14.13 6.48
C HIS B 58 21.74 13.77 6.00
N ASP B 59 21.26 14.49 4.99
CA ASP B 59 19.86 14.37 4.63
C ASP B 59 19.50 13.13 3.75
N ASN B 60 20.47 12.28 3.43
CA ASN B 60 20.12 11.03 2.77
C ASN B 60 19.75 9.89 3.76
N VAL B 61 19.85 10.13 5.05
CA VAL B 61 19.49 9.09 6.01
C VAL B 61 18.04 9.23 6.47
N ALA B 62 17.21 8.22 6.19
CA ALA B 62 15.83 8.16 6.70
C ALA B 62 15.85 7.57 8.13
N ILE B 63 15.49 8.40 9.10
CA ILE B 63 15.59 8.11 10.54
C ILE B 63 14.20 7.84 11.05
N GLY B 64 14.07 6.75 11.82
CA GLY B 64 12.75 6.36 12.31
C GLY B 64 12.84 5.71 13.68
N VAL B 65 11.74 5.74 14.44
CA VAL B 65 11.65 5.00 15.71
C VAL B 65 10.39 4.14 15.77
N CYS B 66 10.54 2.89 16.19
CA CYS B 66 9.39 2.00 16.41
C CYS B 66 9.13 1.82 17.92
N VAL B 67 7.97 2.33 18.35
CA VAL B 67 7.59 2.47 19.74
C VAL B 67 6.52 1.47 20.16
N PRO B 68 6.39 1.22 21.45
CA PRO B 68 5.30 0.37 21.89
C PRO B 68 3.90 0.95 21.57
N PHE B 69 2.94 0.05 21.35
CA PHE B 69 1.62 0.44 20.83
C PHE B 69 0.92 1.62 21.52
N PRO B 70 0.90 1.67 22.85
CA PRO B 70 0.16 2.77 23.49
C PRO B 70 0.72 4.15 23.22
N TYR B 71 1.98 4.23 22.76
CA TYR B 71 2.67 5.52 22.58
C TYR B 71 2.71 5.99 21.12
N LEU B 72 2.00 5.30 20.24
CA LEU B 72 1.94 5.75 18.83
C LEU B 72 1.35 7.17 18.73
N ALA B 73 0.33 7.46 19.54
CA ALA B 73 -0.30 8.81 19.52
C ALA B 73 0.70 9.86 20.00
N GLN B 74 1.46 9.51 21.03
CA GLN B 74 2.51 10.41 21.54
C GLN B 74 3.59 10.64 20.48
N ALA B 75 4.04 9.59 19.80
CA ALA B 75 5.10 9.76 18.80
C ALA B 75 4.58 10.70 17.70
N GLN B 76 3.35 10.47 17.26
CA GLN B 76 2.76 11.35 16.25
C GLN B 76 2.71 12.82 16.69
N ALA B 77 2.23 13.07 17.88
CA ALA B 77 2.10 14.46 18.34
C ALA B 77 3.47 15.17 18.44
N GLN B 78 4.48 14.43 18.83
CA GLN B 78 5.78 14.99 18.98
C GLN B 78 6.60 15.08 17.68
N LEU B 79 6.43 14.16 16.73
CA LEU B 79 7.31 14.08 15.56
C LEU B 79 6.72 14.59 14.24
N GLN B 80 5.41 14.69 14.20
CA GLN B 80 4.67 15.10 13.00
C GLN B 80 5.30 16.34 12.32
N GLY B 81 5.44 16.30 10.99
CA GLY B 81 6.01 17.41 10.23
C GLY B 81 7.53 17.41 10.18
N GLY B 82 8.21 16.60 11.00
CA GLY B 82 9.67 16.55 11.02
C GLY B 82 10.22 15.40 10.19
N ARG B 83 11.53 15.20 10.24
CA ARG B 83 12.12 14.17 9.40
C ARG B 83 12.23 12.80 10.07
N VAL B 84 11.85 12.71 11.35
CA VAL B 84 11.85 11.43 12.02
C VAL B 84 10.51 10.74 11.87
N SER B 85 10.50 9.55 11.29
CA SER B 85 9.31 8.72 11.16
CA SER B 85 9.28 8.76 11.16
C SER B 85 9.12 7.86 12.39
N TRP B 86 7.93 7.26 12.53
CA TRP B 86 7.66 6.33 13.60
C TRP B 86 6.89 5.10 13.13
N GLY B 87 6.77 4.09 13.98
CA GLY B 87 6.19 2.81 13.61
C GLY B 87 5.88 1.93 14.83
N SER B 88 5.19 0.81 14.59
CA SER B 88 4.96 -0.20 15.59
C SER B 88 6.01 -1.30 15.52
N GLN B 89 5.97 -2.16 16.53
CA GLN B 89 6.95 -3.24 16.62
C GLN B 89 6.35 -4.57 16.15
N ASP B 90 5.08 -4.53 15.73
CA ASP B 90 4.35 -5.71 15.26
C ASP B 90 3.04 -5.24 14.66
N VAL B 91 2.42 -6.10 13.85
CA VAL B 91 1.00 -5.98 13.48
C VAL B 91 0.41 -7.36 13.34
N SER B 92 -0.90 -7.44 13.49
CA SER B 92 -1.58 -8.72 13.34
C SER B 92 -1.45 -9.28 11.93
N ALA B 93 -1.56 -10.61 11.82
CA ALA B 93 -1.75 -11.28 10.52
C ALA B 93 -3.14 -11.06 9.93
N HIS B 94 -4.08 -10.53 10.71
CA HIS B 94 -5.43 -10.30 10.22
C HIS B 94 -5.79 -8.85 10.25
N GLU B 95 -6.83 -8.48 9.53
CA GLU B 95 -7.29 -7.09 9.50
C GLU B 95 -8.24 -6.80 10.66
N GLN B 96 -9.01 -7.80 11.07
CA GLN B 96 -9.91 -7.67 12.23
C GLN B 96 -10.36 -9.03 12.75
N GLY B 97 -10.87 -9.06 13.97
CA GLY B 97 -11.48 -10.26 14.50
C GLY B 97 -11.17 -10.64 15.94
N ALA B 98 -11.50 -11.89 16.24
CA ALA B 98 -11.51 -12.44 17.57
C ALA B 98 -10.05 -12.88 17.91
N TYR B 99 -9.19 -11.88 18.10
CA TYR B 99 -7.76 -12.02 18.36
C TYR B 99 -7.38 -11.14 19.54
N THR B 100 -7.87 -11.51 20.70
CA THR B 100 -7.72 -10.66 21.90
C THR B 100 -6.22 -10.26 22.09
N GLY B 101 -6.00 -8.97 22.31
CA GLY B 101 -4.66 -8.39 22.51
C GLY B 101 -3.88 -7.92 21.27
N GLU B 102 -4.25 -8.40 20.09
CA GLU B 102 -3.57 -8.12 18.86
C GLU B 102 -4.00 -6.79 18.29
N VAL B 103 -3.05 -6.14 17.60
CA VAL B 103 -3.27 -4.83 17.02
C VAL B 103 -3.17 -4.90 15.51
N ALA B 104 -4.19 -4.35 14.86
CA ALA B 104 -4.26 -4.38 13.40
C ALA B 104 -3.36 -3.32 12.74
N ALA B 105 -2.82 -3.65 11.58
CA ALA B 105 -2.03 -2.69 10.77
C ALA B 105 -2.83 -1.38 10.52
N GLY B 106 -4.12 -1.52 10.21
CA GLY B 106 -5.02 -0.37 10.09
C GLY B 106 -5.04 0.56 11.31
N MET B 107 -4.92 -0.02 12.50
CA MET B 107 -4.96 0.78 13.70
C MET B 107 -3.68 1.60 13.80
N VAL B 108 -2.54 0.96 13.54
CA VAL B 108 -1.26 1.63 13.58
C VAL B 108 -1.24 2.76 12.55
N ALA B 109 -1.69 2.48 11.34
CA ALA B 109 -1.74 3.47 10.24
C ALA B 109 -2.50 4.74 10.62
N GLU B 110 -3.54 4.63 11.43
CA GLU B 110 -4.31 5.87 11.78
C GLU B 110 -3.49 6.89 12.55
N PHE B 111 -2.33 6.50 13.08
CA PHE B 111 -1.51 7.45 13.86
C PHE B 111 -0.35 8.00 13.05
N GLY B 112 -0.44 7.88 11.72
CA GLY B 112 0.53 8.43 10.80
C GLY B 112 1.86 7.68 10.81
N ALA B 113 1.87 6.47 11.37
CA ALA B 113 3.04 5.62 11.35
C ALA B 113 3.42 5.30 9.86
N ALA B 114 4.71 5.24 9.61
CA ALA B 114 5.31 4.85 8.34
C ALA B 114 5.70 3.38 8.36
N TYR B 115 6.02 2.81 9.53
CA TYR B 115 6.56 1.45 9.60
C TYR B 115 5.87 0.45 10.51
N ALA B 116 6.07 -0.84 10.23
CA ALA B 116 5.81 -1.87 11.20
C ALA B 116 6.95 -2.95 11.15
N ILE B 117 7.56 -3.31 12.28
CA ILE B 117 8.47 -4.45 12.32
C ILE B 117 7.62 -5.73 12.27
N VAL B 118 7.96 -6.69 11.41
CA VAL B 118 7.28 -7.98 11.37
C VAL B 118 8.33 -9.11 11.38
N GLY B 119 8.08 -10.14 12.18
CA GLY B 119 8.93 -11.31 12.22
C GLY B 119 10.22 -11.15 12.98
N HIS B 120 10.30 -10.19 13.92
CA HIS B 120 11.48 -10.03 14.75
C HIS B 120 11.76 -11.33 15.45
N SER B 121 13.04 -11.65 15.64
CA SER B 121 13.43 -12.94 16.22
C SER B 121 12.77 -13.18 17.59
N GLU B 122 12.63 -12.13 18.38
CA GLU B 122 11.92 -12.27 19.66
C GLU B 122 10.48 -12.75 19.47
N ARG B 123 9.83 -12.37 18.38
CA ARG B 123 8.44 -12.82 18.19
C ARG B 123 8.37 -14.21 17.54
N ARG B 124 9.26 -14.51 16.62
CA ARG B 124 9.36 -15.87 16.11
C ARG B 124 9.66 -16.85 17.27
N ALA B 125 10.48 -16.47 18.22
CA ALA B 125 10.80 -17.41 19.34
C ALA B 125 9.68 -17.39 20.39
N TYR B 126 9.45 -16.25 21.02
CA TYR B 126 8.53 -16.18 22.17
C TYR B 126 7.06 -16.33 21.80
N HIS B 127 6.70 -15.99 20.57
CA HIS B 127 5.31 -16.13 20.18
C HIS B 127 5.02 -17.17 19.12
N GLY B 128 6.04 -17.90 18.69
CA GLY B 128 5.86 -18.95 17.73
C GLY B 128 5.44 -18.49 16.34
N GLU B 129 5.78 -17.28 15.91
CA GLU B 129 5.34 -16.80 14.59
C GLU B 129 6.11 -17.56 13.51
N SER B 130 5.39 -18.24 12.61
CA SER B 130 5.95 -19.00 11.51
C SER B 130 6.28 -18.11 10.28
N ASN B 131 7.05 -18.65 9.35
CA ASN B 131 7.41 -17.94 8.14
C ASN B 131 6.19 -17.35 7.43
N GLU B 132 5.12 -18.15 7.37
CA GLU B 132 3.93 -17.81 6.64
C GLU B 132 3.09 -16.77 7.38
N THR B 133 3.05 -16.86 8.71
CA THR B 133 2.47 -15.80 9.55
C THR B 133 3.16 -14.45 9.30
N VAL B 134 4.48 -14.47 9.21
CA VAL B 134 5.22 -13.20 8.99
C VAL B 134 4.85 -12.66 7.60
N ALA B 135 4.61 -13.58 6.64
CA ALA B 135 4.29 -13.14 5.30
C ALA B 135 2.92 -12.46 5.33
N ALA B 136 1.97 -13.05 6.05
CA ALA B 136 0.65 -12.42 6.21
C ALA B 136 0.80 -11.03 6.90
N LYS B 137 1.69 -10.93 7.88
CA LYS B 137 1.87 -9.62 8.58
C LYS B 137 2.41 -8.54 7.63
N ALA B 138 3.35 -8.94 6.77
CA ALA B 138 3.88 -8.04 5.77
C ALA B 138 2.75 -7.51 4.86
N ARG B 139 1.88 -8.42 4.39
CA ARG B 139 0.79 -8.05 3.51
C ARG B 139 -0.17 -7.11 4.20
N ARG B 140 -0.56 -7.42 5.43
CA ARG B 140 -1.43 -6.51 6.21
CA ARG B 140 -1.43 -6.51 6.21
C ARG B 140 -0.79 -5.12 6.34
N ALA B 141 0.52 -5.07 6.58
CA ALA B 141 1.23 -3.79 6.72
C ALA B 141 1.11 -2.98 5.41
N LEU B 142 1.42 -3.64 4.29
CA LEU B 142 1.32 -2.99 2.97
C LEU B 142 -0.11 -2.51 2.65
N ALA B 143 -1.11 -3.34 2.93
CA ALA B 143 -2.49 -3.01 2.61
C ALA B 143 -2.97 -1.74 3.37
N ALA B 144 -2.41 -1.54 4.56
CA ALA B 144 -2.73 -0.40 5.45
C ALA B 144 -1.86 0.81 5.16
N GLY B 145 -0.90 0.67 4.24
CA GLY B 145 -0.05 1.85 3.88
C GLY B 145 1.17 2.02 4.71
N LEU B 146 1.61 0.93 5.38
CA LEU B 146 2.85 0.92 6.11
C LEU B 146 3.95 0.19 5.35
N THR B 147 5.20 0.52 5.67
CA THR B 147 6.35 -0.20 5.17
C THR B 147 6.74 -1.22 6.20
N PRO B 148 6.62 -2.51 5.87
CA PRO B 148 6.97 -3.54 6.84
C PRO B 148 8.49 -3.69 6.87
N ILE B 149 9.06 -3.81 8.05
CA ILE B 149 10.49 -4.16 8.20
C ILE B 149 10.52 -5.64 8.47
N VAL B 150 10.77 -6.43 7.44
CA VAL B 150 10.67 -7.87 7.52
C VAL B 150 12.01 -8.46 8.05
N CYS B 151 11.95 -9.08 9.21
CA CYS B 151 13.11 -9.56 9.89
C CYS B 151 13.34 -11.01 9.53
N VAL B 152 14.61 -11.32 9.22
CA VAL B 152 15.03 -12.70 8.98
C VAL B 152 16.28 -12.95 9.79
N GLY B 153 16.58 -14.22 10.08
CA GLY B 153 17.79 -14.53 10.90
C GLY B 153 17.87 -15.94 11.40
N GLU B 154 19.09 -16.47 11.48
CA GLU B 154 19.30 -17.87 11.88
C GLU B 154 19.85 -17.96 13.31
N THR B 155 19.48 -19.02 14.01
CA THR B 155 20.06 -19.33 15.34
C THR B 155 21.50 -19.90 15.27
N LEU B 156 22.17 -19.94 16.43
CA LEU B 156 23.48 -20.58 16.57
C LEU B 156 23.48 -22.01 16.04
N ALA B 157 22.50 -22.82 16.48
CA ALA B 157 22.38 -24.24 16.06
C ALA B 157 22.33 -24.30 14.55
N GLU B 158 21.60 -23.37 13.95
CA GLU B 158 21.43 -23.36 12.50
C GLU B 158 22.72 -22.99 11.77
N ARG B 159 23.40 -21.95 12.30
CA ARG B 159 24.62 -21.46 11.69
CA ARG B 159 24.62 -21.47 11.69
C ARG B 159 25.69 -22.55 11.77
N GLU B 160 25.82 -23.19 12.94
CA GLU B 160 26.81 -24.26 13.14
C GLU B 160 26.46 -25.52 12.36
N ALA B 161 25.19 -25.68 11.96
CA ALA B 161 24.79 -26.79 11.09
C ALA B 161 25.02 -26.44 9.60
N GLY B 162 25.61 -25.28 9.31
CA GLY B 162 25.78 -24.87 7.92
C GLY B 162 24.50 -24.45 7.15
N THR B 163 23.41 -24.13 7.87
CA THR B 163 22.09 -23.89 7.20
C THR B 163 21.65 -22.43 7.13
N THR B 164 22.59 -21.50 7.33
CA THR B 164 22.27 -20.10 7.31
C THR B 164 21.43 -19.69 6.08
N GLU B 165 21.88 -20.07 4.90
CA GLU B 165 21.20 -19.70 3.63
C GLU B 165 19.86 -20.40 3.46
N GLN B 166 19.79 -21.68 3.80
CA GLN B 166 18.52 -22.44 3.72
C GLN B 166 17.47 -21.74 4.63
N VAL B 167 17.89 -21.29 5.83
CA VAL B 167 16.94 -20.76 6.84
C VAL B 167 16.47 -19.35 6.48
N VAL B 168 17.40 -18.41 6.28
CA VAL B 168 17.03 -17.04 5.98
C VAL B 168 16.44 -16.92 4.59
N GLY B 169 16.91 -17.78 3.70
CA GLY B 169 16.27 -17.91 2.40
C GLY B 169 14.81 -18.36 2.46
N ALA B 170 14.51 -19.39 3.26
CA ALA B 170 13.13 -19.83 3.37
C ALA B 170 12.27 -18.68 3.99
N GLN B 171 12.84 -17.98 4.97
CA GLN B 171 12.09 -16.95 5.69
C GLN B 171 11.69 -15.82 4.74
N LEU B 172 12.64 -15.42 3.89
CA LEU B 172 12.41 -14.36 2.91
C LEU B 172 11.51 -14.84 1.78
N ASP B 173 11.78 -16.03 1.27
CA ASP B 173 10.91 -16.58 0.22
C ASP B 173 9.43 -16.66 0.60
N ALA B 174 9.15 -16.95 1.86
CA ALA B 174 7.76 -17.06 2.30
C ALA B 174 7.04 -15.72 2.13
N VAL B 175 7.75 -14.63 2.44
CA VAL B 175 7.22 -13.27 2.29
C VAL B 175 7.16 -12.90 0.82
N LEU B 176 8.22 -13.14 0.06
CA LEU B 176 8.17 -12.79 -1.38
C LEU B 176 7.08 -13.58 -2.12
N ALA B 177 6.86 -14.83 -1.71
CA ALA B 177 5.86 -15.69 -2.45
C ALA B 177 4.43 -15.11 -2.44
N VAL B 178 4.05 -14.33 -1.43
CA VAL B 178 2.69 -13.85 -1.36
C VAL B 178 2.53 -12.44 -1.90
N LEU B 179 3.62 -11.89 -2.44
CA LEU B 179 3.61 -10.53 -3.03
C LEU B 179 3.89 -10.58 -4.54
N SER B 180 3.25 -9.67 -5.26
CA SER B 180 3.68 -9.36 -6.61
C SER B 180 5.01 -8.57 -6.53
N PRO B 181 5.73 -8.50 -7.62
CA PRO B 181 6.95 -7.72 -7.65
C PRO B 181 6.77 -6.25 -7.27
N ASP B 182 5.68 -5.63 -7.72
CA ASP B 182 5.44 -4.25 -7.40
C ASP B 182 5.17 -4.08 -5.91
N GLU B 183 4.53 -5.07 -5.30
CA GLU B 183 4.34 -5.04 -3.85
C GLU B 183 5.66 -5.29 -3.13
N ALA B 184 6.45 -6.26 -3.61
CA ALA B 184 7.69 -6.60 -2.94
C ALA B 184 8.65 -5.40 -2.95
N ALA B 185 8.57 -4.55 -3.98
CA ALA B 185 9.49 -3.40 -4.08
C ALA B 185 9.28 -2.38 -2.94
N ARG B 186 8.20 -2.56 -2.16
CA ARG B 186 7.84 -1.62 -1.08
C ARG B 186 8.32 -2.10 0.31
N ILE B 187 8.89 -3.28 0.42
CA ILE B 187 9.29 -3.75 1.73
C ILE B 187 10.66 -3.24 2.12
N VAL B 188 10.97 -3.38 3.40
CA VAL B 188 12.33 -3.35 3.90
C VAL B 188 12.63 -4.71 4.50
N VAL B 189 13.88 -5.15 4.44
CA VAL B 189 14.31 -6.39 5.08
C VAL B 189 15.47 -6.10 6.03
N ALA B 190 15.44 -6.72 7.21
CA ALA B 190 16.51 -6.62 8.20
C ALA B 190 17.06 -8.01 8.55
N TYR B 191 18.37 -8.15 8.53
CA TYR B 191 19.05 -9.39 8.93
C TYR B 191 19.50 -9.30 10.36
N GLU B 192 19.01 -10.24 11.17
CA GLU B 192 19.39 -10.40 12.58
C GLU B 192 20.25 -11.63 12.81
N PRO B 193 21.51 -11.43 13.18
CA PRO B 193 22.31 -12.60 13.51
C PRO B 193 21.96 -13.11 14.91
N VAL B 194 20.87 -13.87 15.00
CA VAL B 194 20.35 -14.36 16.27
C VAL B 194 21.44 -15.17 16.98
N TRP B 195 22.24 -15.87 16.20
CA TRP B 195 23.38 -16.61 16.69
C TRP B 195 24.37 -15.85 17.50
N ALA B 196 24.39 -14.52 17.39
CA ALA B 196 25.28 -13.67 18.24
C ALA B 196 24.67 -13.20 19.56
N ILE B 197 23.42 -13.57 19.85
CA ILE B 197 22.71 -13.06 21.06
C ILE B 197 22.83 -13.92 22.31
N GLY B 198 23.53 -13.41 23.31
CA GLY B 198 23.74 -14.14 24.55
C GLY B 198 24.62 -15.35 24.38
N THR B 199 25.43 -15.35 23.33
CA THR B 199 26.29 -16.50 23.00
C THR B 199 27.78 -16.18 23.17
N GLY B 200 28.11 -14.92 23.38
CA GLY B 200 29.51 -14.50 23.43
C GLY B 200 30.10 -14.28 22.06
N LYS B 201 29.44 -14.78 21.01
CA LYS B 201 29.98 -14.69 19.64
C LYS B 201 29.60 -13.35 19.04
N SER B 202 30.40 -12.89 18.10
CA SER B 202 30.18 -11.64 17.42
C SER B 202 30.34 -11.80 15.90
N ALA B 203 29.66 -10.93 15.15
CA ALA B 203 29.77 -10.88 13.69
C ALA B 203 30.70 -9.76 13.17
N THR B 204 31.51 -10.10 12.19
CA THR B 204 32.32 -9.11 11.51
C THR B 204 31.49 -8.43 10.40
N ALA B 205 31.95 -7.27 9.96
CA ALA B 205 31.35 -6.60 8.84
C ALA B 205 31.34 -7.50 7.57
N GLU B 206 32.39 -8.29 7.36
CA GLU B 206 32.52 -9.14 6.16
C GLU B 206 31.50 -10.28 6.22
N GLN B 207 31.26 -10.83 7.42
CA GLN B 207 30.24 -11.85 7.61
C GLN B 207 28.82 -11.28 7.36
N ALA B 208 28.58 -10.05 7.83
CA ALA B 208 27.28 -9.40 7.63
C ALA B 208 27.06 -9.22 6.11
N GLN B 209 28.09 -8.73 5.41
CA GLN B 209 28.03 -8.51 3.96
C GLN B 209 27.72 -9.82 3.22
N GLN B 210 28.35 -10.91 3.63
CA GLN B 210 28.15 -12.22 2.96
C GLN B 210 26.64 -12.59 2.97
N VAL B 211 25.96 -12.40 4.11
CA VAL B 211 24.55 -12.75 4.22
C VAL B 211 23.67 -11.73 3.43
N HIS B 212 24.01 -10.47 3.53
CA HIS B 212 23.27 -9.43 2.81
C HIS B 212 23.36 -9.63 1.32
N ALA B 213 24.55 -10.01 0.82
CA ALA B 213 24.74 -10.29 -0.61
C ALA B 213 23.85 -11.48 -1.03
N PHE B 214 23.74 -12.50 -0.18
CA PHE B 214 22.82 -13.62 -0.47
C PHE B 214 21.36 -13.14 -0.53
N LEU B 215 20.95 -12.31 0.44
CA LEU B 215 19.56 -11.82 0.48
C LEU B 215 19.28 -10.87 -0.68
N ARG B 216 20.26 -10.02 -1.03
CA ARG B 216 20.13 -9.15 -2.21
C ARG B 216 19.86 -9.95 -3.49
N GLY B 217 20.52 -11.09 -3.65
CA GLY B 217 20.32 -11.93 -4.86
C GLY B 217 18.91 -12.51 -4.96
N ARG B 218 18.33 -12.88 -3.82
CA ARG B 218 16.98 -13.36 -3.78
C ARG B 218 15.96 -12.26 -4.07
N LEU B 219 16.19 -11.08 -3.52
CA LEU B 219 15.39 -9.94 -3.82
C LEU B 219 15.46 -9.59 -5.31
N ALA B 220 16.66 -9.62 -5.90
CA ALA B 220 16.80 -9.26 -7.36
C ALA B 220 16.05 -10.25 -8.22
N ALA B 221 16.13 -11.53 -7.86
CA ALA B 221 15.42 -12.54 -8.65
C ALA B 221 13.91 -12.28 -8.60
N LYS B 222 13.40 -11.66 -7.54
CA LYS B 222 11.98 -11.32 -7.50
C LYS B 222 11.65 -10.03 -8.24
N GLY B 223 12.66 -9.21 -8.57
CA GLY B 223 12.45 -7.88 -9.10
C GLY B 223 12.27 -6.85 -7.99
N ALA B 224 12.88 -7.12 -6.84
CA ALA B 224 12.82 -6.21 -5.73
C ALA B 224 14.25 -5.87 -5.23
N GLY B 225 15.18 -5.75 -6.18
CA GLY B 225 16.57 -5.60 -5.86
C GLY B 225 16.99 -4.27 -5.24
N HIS B 226 16.12 -3.25 -5.31
CA HIS B 226 16.38 -1.92 -4.75
C HIS B 226 15.98 -1.74 -3.31
N VAL B 227 15.34 -2.77 -2.74
CA VAL B 227 14.83 -2.74 -1.35
C VAL B 227 15.96 -2.47 -0.33
N SER B 228 15.71 -1.65 0.68
CA SER B 228 16.70 -1.40 1.75
C SER B 228 16.93 -2.68 2.56
N LEU B 229 18.19 -3.05 2.73
CA LEU B 229 18.61 -4.19 3.54
C LEU B 229 19.35 -3.67 4.75
N LEU B 230 18.74 -3.79 5.91
CA LEU B 230 19.29 -3.21 7.12
C LEU B 230 19.93 -4.32 7.98
N TYR B 231 21.05 -3.98 8.60
CA TYR B 231 21.69 -4.89 9.50
C TYR B 231 21.05 -4.72 10.85
N GLY B 232 20.67 -5.83 11.47
CA GLY B 232 19.96 -5.80 12.73
C GLY B 232 20.65 -6.47 13.90
N GLY B 233 21.94 -6.72 13.80
CA GLY B 233 22.71 -7.20 14.93
C GLY B 233 23.11 -6.03 15.79
N SER B 234 24.07 -6.27 16.66
CA SER B 234 24.55 -5.27 17.58
C SER B 234 25.28 -4.12 16.87
N VAL B 235 24.66 -2.96 16.91
CA VAL B 235 25.23 -1.78 16.28
C VAL B 235 25.50 -0.78 17.40
N LYS B 236 26.72 -0.28 17.44
CA LYS B 236 27.16 0.69 18.45
C LYS B 236 27.78 1.87 17.68
N ALA B 237 27.89 3.03 18.33
CA ALA B 237 28.53 4.20 17.69
C ALA B 237 29.88 3.86 17.06
N ASP B 238 30.65 2.99 17.70
CA ASP B 238 32.02 2.69 17.26
C ASP B 238 32.15 1.70 16.10
N ASN B 239 31.07 0.98 15.74
CA ASN B 239 31.13 0.02 14.61
C ASN B 239 30.23 0.36 13.40
N ALA B 240 29.35 1.35 13.57
CA ALA B 240 28.38 1.68 12.58
C ALA B 240 29.00 1.96 11.18
N ALA B 241 30.05 2.76 11.14
CA ALA B 241 30.62 3.19 9.85
C ALA B 241 31.15 2.01 9.05
N GLU B 242 31.78 1.05 9.74
CA GLU B 242 32.35 -0.12 9.08
C GLU B 242 31.22 -1.00 8.51
N LEU B 243 30.14 -1.18 9.28
CA LEU B 243 29.03 -2.03 8.85
C LEU B 243 28.32 -1.37 7.68
N PHE B 244 27.96 -0.11 7.82
CA PHE B 244 27.16 0.56 6.81
C PHE B 244 27.93 0.86 5.55
N GLY B 245 29.26 0.79 5.61
CA GLY B 245 30.11 0.95 4.43
C GLY B 245 30.06 -0.24 3.45
N GLN B 246 29.54 -1.38 3.92
CA GLN B 246 29.47 -2.56 3.07
C GLN B 246 28.47 -2.34 1.95
N PRO B 247 28.75 -2.89 0.79
CA PRO B 247 27.94 -2.57 -0.38
C PRO B 247 26.47 -3.02 -0.33
N ASP B 248 26.12 -4.07 0.42
CA ASP B 248 24.74 -4.46 0.49
C ASP B 248 24.04 -4.17 1.81
N ILE B 249 24.68 -3.37 2.65
CA ILE B 249 24.12 -2.98 3.92
C ILE B 249 23.72 -1.52 3.78
N ASP B 250 22.42 -1.28 3.79
CA ASP B 250 21.85 0.04 3.58
C ASP B 250 21.52 0.81 4.87
N GLY B 251 21.95 0.31 6.03
CA GLY B 251 21.63 0.98 7.29
C GLY B 251 21.38 -0.04 8.37
N GLY B 252 20.62 0.34 9.40
CA GLY B 252 20.42 -0.54 10.56
C GLY B 252 19.08 -0.46 11.27
N LEU B 253 18.66 -1.59 11.83
CA LEU B 253 17.54 -1.70 12.78
C LEU B 253 18.21 -1.84 14.16
N ILE B 254 18.16 -0.78 14.95
CA ILE B 254 19.01 -0.65 16.12
C ILE B 254 18.24 -1.05 17.36
N GLY B 255 18.88 -1.84 18.22
CA GLY B 255 18.32 -2.25 19.49
C GLY B 255 18.60 -1.29 20.65
N GLY B 256 19.39 -1.74 21.62
CA GLY B 256 19.63 -0.99 22.88
C GLY B 256 20.18 0.41 22.72
N ALA B 257 21.01 0.61 21.70
CA ALA B 257 21.59 1.90 21.43
C ALA B 257 20.50 2.88 21.01
N SER B 258 19.34 2.40 20.59
CA SER B 258 18.25 3.35 20.25
C SER B 258 17.67 4.03 21.48
N LEU B 259 17.95 3.51 22.67
CA LEU B 259 17.38 4.08 23.92
C LEU B 259 18.13 5.33 24.44
N LYS B 260 19.29 5.67 23.91
CA LYS B 260 20.06 6.87 24.39
C LYS B 260 20.34 7.74 23.17
N SER B 261 19.82 8.95 23.16
CA SER B 261 19.87 9.78 21.94
C SER B 261 21.27 9.97 21.35
N GLY B 262 22.28 10.10 22.21
CA GLY B 262 23.64 10.30 21.72
C GLY B 262 24.17 9.14 20.92
N ASP B 263 23.96 7.94 21.43
CA ASP B 263 24.39 6.74 20.71
C ASP B 263 23.61 6.52 19.41
N PHE B 264 22.30 6.78 19.45
CA PHE B 264 21.44 6.57 18.29
C PHE B 264 21.80 7.53 17.15
N LEU B 265 22.04 8.78 17.51
CA LEU B 265 22.40 9.79 16.53
C LEU B 265 23.78 9.50 15.95
N ALA B 266 24.69 9.05 16.81
CA ALA B 266 26.01 8.63 16.30
C ALA B 266 25.80 7.62 15.18
N ILE B 267 24.93 6.62 15.44
CA ILE B 267 24.66 5.57 14.45
C ILE B 267 24.02 6.15 13.22
N CYS B 268 23.08 7.08 13.40
CA CYS B 268 22.42 7.70 12.27
C CYS B 268 23.43 8.41 11.36
N ARG B 269 24.36 9.16 11.97
CA ARG B 269 25.34 9.95 11.20
C ARG B 269 26.21 9.06 10.38
N ALA B 270 26.54 7.86 10.89
CA ALA B 270 27.42 6.94 10.16
C ALA B 270 26.81 6.34 8.94
N ALA B 271 25.50 6.49 8.76
CA ALA B 271 24.85 5.91 7.57
C ALA B 271 24.96 6.82 6.33
N LYS B 272 25.51 8.04 6.48
CA LYS B 272 25.84 8.95 5.36
C LYS B 272 26.40 8.15 4.17
N GLN C 25 -8.42 15.28 12.21
CA GLN C 25 -8.03 16.49 11.40
C GLN C 25 -7.32 16.01 10.10
N ARG C 26 -7.89 16.35 8.93
CA ARG C 26 -7.57 15.72 7.62
C ARG C 26 -6.49 16.46 6.81
N ILE C 27 -5.87 15.74 5.87
CA ILE C 27 -4.74 16.28 5.08
C ILE C 27 -5.24 17.25 4.00
N LYS C 28 -4.73 18.49 4.05
CA LYS C 28 -5.01 19.50 3.05
C LYS C 28 -4.04 19.32 1.89
N ARG C 29 -4.56 19.37 0.65
CA ARG C 29 -3.72 19.12 -0.52
C ARG C 29 -4.05 20.03 -1.71
N VAL C 30 -3.01 20.49 -2.39
CA VAL C 30 -3.14 21.20 -3.63
C VAL C 30 -2.25 20.54 -4.65
N ILE C 31 -2.89 19.94 -5.64
CA ILE C 31 -2.22 19.08 -6.60
C ILE C 31 -2.52 19.60 -7.99
N GLY C 32 -1.46 19.93 -8.72
CA GLY C 32 -1.62 20.44 -10.09
C GLY C 32 -1.72 19.32 -11.12
N ASN C 33 -2.71 19.40 -11.99
CA ASN C 33 -2.83 18.47 -13.10
C ASN C 33 -2.43 19.24 -14.34
N TRP C 34 -1.20 19.02 -14.79
CA TRP C 34 -0.74 19.73 -15.95
C TRP C 34 -1.48 19.36 -17.20
N LYS C 35 -2.15 18.20 -17.19
CA LYS C 35 -2.74 17.61 -18.40
C LYS C 35 -1.68 17.47 -19.46
N MET C 36 -1.99 17.61 -20.74
CA MET C 36 -1.01 17.34 -21.80
C MET C 36 -0.28 18.61 -22.20
N HIS C 37 0.55 19.09 -21.29
CA HIS C 37 1.34 20.29 -21.47
C HIS C 37 2.74 20.02 -20.99
N GLY C 38 3.71 20.72 -21.56
CA GLY C 38 5.06 20.73 -21.02
C GLY C 38 6.07 20.08 -21.94
N ARG C 39 7.25 20.67 -21.91
CA ARG C 39 8.45 20.18 -22.58
C ARG C 39 9.61 20.40 -21.61
N LEU C 40 10.76 19.74 -21.86
CA LEU C 40 11.85 19.74 -20.89
C LEU C 40 12.18 21.12 -20.29
N SER C 41 12.42 22.12 -21.12
CA SER C 41 12.99 23.33 -20.55
C SER C 41 11.93 24.19 -19.84
N GLY C 42 10.69 24.22 -20.36
CA GLY C 42 9.57 24.84 -19.64
C GLY C 42 9.20 24.11 -18.33
N ASN C 43 9.26 22.77 -18.34
CA ASN C 43 9.04 21.97 -17.14
C ASN C 43 10.09 22.37 -16.05
N GLN C 44 11.35 22.52 -16.45
CA GLN C 44 12.38 22.86 -15.46
C GLN C 44 12.11 24.20 -14.85
N ALA C 45 11.70 25.16 -15.65
CA ALA C 45 11.40 26.48 -15.14
C ALA C 45 10.24 26.43 -14.15
N LEU C 46 9.12 25.81 -14.53
CA LEU C 46 7.96 25.71 -13.64
C LEU C 46 8.30 24.97 -12.34
N LEU C 47 9.01 23.87 -12.46
CA LEU C 47 9.37 23.05 -11.31
C LEU C 47 10.27 23.81 -10.35
N THR C 48 11.24 24.57 -10.86
CA THR C 48 12.14 25.35 -9.97
C THR C 48 11.36 26.45 -9.26
N GLU C 49 10.54 27.20 -10.00
CA GLU C 49 9.73 28.27 -9.39
C GLU C 49 8.81 27.73 -8.33
N VAL C 50 8.15 26.60 -8.59
CA VAL C 50 7.24 26.04 -7.63
C VAL C 50 7.97 25.53 -6.38
N ALA C 51 9.08 24.82 -6.56
CA ALA C 51 9.92 24.39 -5.43
C ALA C 51 10.36 25.59 -4.56
N GLN C 52 10.84 26.63 -5.21
CA GLN C 52 11.30 27.81 -4.48
C GLN C 52 10.16 28.53 -3.76
N GLY C 53 9.04 28.74 -4.44
CA GLY C 53 7.86 29.38 -3.83
C GLY C 53 7.23 28.56 -2.72
N ALA C 54 7.37 27.23 -2.77
CA ALA C 54 6.73 26.31 -1.82
C ALA C 54 7.21 26.55 -0.40
N GLN C 55 8.44 27.07 -0.27
CA GLN C 55 9.04 27.35 1.06
C GLN C 55 8.22 28.42 1.87
N ALA C 56 7.47 29.29 1.17
CA ALA C 56 6.57 30.30 1.78
C ALA C 56 5.10 29.83 2.04
N VAL C 57 4.71 28.62 1.64
CA VAL C 57 3.34 28.14 1.85
C VAL C 57 3.23 27.50 3.23
N HIS C 58 2.11 27.68 3.91
CA HIS C 58 1.96 27.13 5.28
C HIS C 58 2.24 25.67 5.25
N ASP C 59 2.87 25.15 6.30
CA ASP C 59 3.43 23.80 6.23
C ASP C 59 2.39 22.66 6.40
N ASN C 60 1.12 22.98 6.61
CA ASN C 60 0.11 21.95 6.59
C ASN C 60 -0.43 21.64 5.15
N VAL C 61 0.01 22.36 4.13
CA VAL C 61 -0.48 22.11 2.75
C VAL C 61 0.47 21.13 2.03
N ALA C 62 -0.04 19.94 1.69
CA ALA C 62 0.71 19.00 0.85
C ALA C 62 0.58 19.45 -0.60
N ILE C 63 1.69 19.84 -1.21
CA ILE C 63 1.74 20.38 -2.59
C ILE C 63 2.30 19.30 -3.48
N GLY C 64 1.65 19.12 -4.63
CA GLY C 64 2.07 18.10 -5.57
C GLY C 64 1.79 18.49 -7.01
N VAL C 65 2.54 17.87 -7.94
CA VAL C 65 2.30 18.05 -9.37
C VAL C 65 2.22 16.70 -10.11
N CYS C 66 1.19 16.54 -10.92
CA CYS C 66 1.06 15.35 -11.78
C CYS C 66 1.40 15.70 -13.25
N VAL C 67 2.49 15.06 -13.72
CA VAL C 67 3.14 15.37 -14.97
C VAL C 67 2.88 14.28 -16.03
N PRO C 68 3.06 14.61 -17.29
CA PRO C 68 3.00 13.56 -18.30
C PRO C 68 4.12 12.50 -18.14
N PHE C 69 3.79 11.26 -18.52
CA PHE C 69 4.63 10.10 -18.22
C PHE C 69 6.14 10.27 -18.52
N PRO C 70 6.50 10.80 -19.69
CA PRO C 70 7.92 10.86 -19.99
C PRO C 70 8.76 11.74 -19.08
N TYR C 71 8.09 12.59 -18.31
CA TYR C 71 8.78 13.59 -17.47
C TYR C 71 8.82 13.22 -16.01
N LEU C 72 8.41 12.01 -15.67
CA LEU C 72 8.50 11.56 -14.27
C LEU C 72 9.96 11.58 -13.76
N ALA C 73 10.92 11.16 -14.61
CA ALA C 73 12.33 11.15 -14.21
C ALA C 73 12.82 12.60 -13.97
N GLN C 74 12.38 13.52 -14.85
CA GLN C 74 12.71 14.90 -14.64
C GLN C 74 12.10 15.43 -13.34
N ALA C 75 10.84 15.12 -13.06
CA ALA C 75 10.21 15.64 -11.85
C ALA C 75 11.00 15.13 -10.64
N GLN C 76 11.31 13.84 -10.63
CA GLN C 76 12.10 13.29 -9.52
C GLN C 76 13.44 14.02 -9.35
N ALA C 77 14.20 14.18 -10.43
CA ALA C 77 15.51 14.83 -10.35
C ALA C 77 15.40 16.26 -9.81
N GLN C 78 14.38 17.00 -10.21
CA GLN C 78 14.17 18.37 -9.77
C GLN C 78 13.60 18.51 -8.36
N LEU C 79 12.72 17.62 -7.93
CA LEU C 79 11.91 17.83 -6.70
C LEU C 79 12.29 16.95 -5.49
N GLN C 80 13.04 15.89 -5.74
CA GLN C 80 13.54 14.96 -4.73
C GLN C 80 14.07 15.68 -3.48
N GLY C 81 13.67 15.21 -2.30
CA GLY C 81 14.16 15.78 -1.04
C GLY C 81 13.40 17.00 -0.58
N GLY C 82 12.52 17.56 -1.42
CA GLY C 82 11.81 18.80 -1.07
C GLY C 82 10.39 18.51 -0.62
N ARG C 83 9.59 19.55 -0.46
CA ARG C 83 8.24 19.34 0.03
C ARG C 83 7.19 19.17 -1.10
N VAL C 84 7.60 19.33 -2.35
CA VAL C 84 6.69 19.10 -3.45
C VAL C 84 6.74 17.66 -3.94
N SER C 85 5.60 16.98 -3.90
CA SER C 85 5.44 15.63 -4.46
CA SER C 85 5.46 15.63 -4.45
C SER C 85 5.07 15.65 -5.93
N TRP C 86 5.21 14.51 -6.60
CA TRP C 86 4.85 14.39 -8.01
C TRP C 86 4.08 13.08 -8.28
N GLY C 87 3.49 12.97 -9.48
CA GLY C 87 2.61 11.84 -9.82
C GLY C 87 2.36 11.77 -11.31
N SER C 88 1.70 10.68 -11.72
CA SER C 88 1.23 10.51 -13.07
C SER C 88 -0.25 10.93 -13.18
N GLN C 89 -0.72 10.95 -14.41
CA GLN C 89 -2.07 11.43 -14.68
C GLN C 89 -3.01 10.26 -14.95
N ASP C 90 -2.45 9.03 -14.87
CA ASP C 90 -3.20 7.80 -15.14
C ASP C 90 -2.30 6.62 -14.73
N VAL C 91 -2.91 5.45 -14.54
CA VAL C 91 -2.16 4.17 -14.50
C VAL C 91 -3.03 3.08 -15.10
N SER C 92 -2.40 1.99 -15.57
CA SER C 92 -3.14 0.87 -16.13
C SER C 92 -3.99 0.19 -15.07
N ALA C 93 -5.05 -0.47 -15.52
CA ALA C 93 -5.83 -1.39 -14.71
C ALA C 93 -5.12 -2.72 -14.43
N HIS C 94 -4.00 -2.98 -15.11
CA HIS C 94 -3.24 -4.24 -14.90
C HIS C 94 -1.85 -3.94 -14.46
N GLU C 95 -1.17 -4.96 -13.95
CA GLU C 95 0.22 -4.82 -13.47
C GLU C 95 1.21 -5.04 -14.63
N GLN C 96 0.82 -5.89 -15.58
CA GLN C 96 1.67 -6.17 -16.76
C GLN C 96 0.88 -6.87 -17.85
N GLY C 97 1.41 -6.84 -19.07
CA GLY C 97 0.86 -7.62 -20.17
C GLY C 97 0.75 -6.93 -21.54
N ALA C 98 -0.09 -7.52 -22.36
CA ALA C 98 -0.22 -7.17 -23.76
C ALA C 98 -1.21 -5.99 -23.91
N TYR C 99 -0.74 -4.82 -23.45
CA TYR C 99 -1.52 -3.61 -23.38
C TYR C 99 -0.70 -2.42 -23.97
N THR C 100 -0.50 -2.47 -25.29
CA THR C 100 0.37 -1.53 -25.95
C THR C 100 0.01 -0.10 -25.56
N GLY C 101 1.03 0.65 -25.17
CA GLY C 101 0.88 2.07 -24.80
C GLY C 101 0.56 2.40 -23.35
N GLU C 102 0.09 1.40 -22.60
CA GLU C 102 -0.33 1.62 -21.22
C GLU C 102 0.89 1.61 -20.27
N VAL C 103 0.79 2.38 -19.19
CA VAL C 103 1.82 2.47 -18.20
C VAL C 103 1.32 1.91 -16.87
N ALA C 104 2.12 1.00 -16.30
CA ALA C 104 1.75 0.35 -15.03
C ALA C 104 2.06 1.25 -13.84
N ALA C 105 1.24 1.13 -12.81
CA ALA C 105 1.47 1.85 -11.52
C ALA C 105 2.87 1.52 -10.98
N GLY C 106 3.27 0.25 -11.07
CA GLY C 106 4.66 -0.15 -10.74
C GLY C 106 5.77 0.63 -11.44
N MET C 107 5.52 1.05 -12.69
CA MET C 107 6.50 1.83 -13.42
C MET C 107 6.59 3.24 -12.83
N VAL C 108 5.42 3.85 -12.56
CA VAL C 108 5.36 5.21 -12.05
C VAL C 108 6.03 5.24 -10.70
N ALA C 109 5.73 4.25 -9.87
CA ALA C 109 6.32 4.15 -8.52
C ALA C 109 7.85 4.17 -8.52
N GLU C 110 8.50 3.61 -9.55
CA GLU C 110 9.99 3.53 -9.55
C GLU C 110 10.63 4.91 -9.65
N PHE C 111 9.85 5.95 -9.97
CA PHE C 111 10.41 7.31 -10.06
C PHE C 111 10.10 8.14 -8.84
N GLY C 112 9.75 7.47 -7.74
CA GLY C 112 9.49 8.13 -6.43
C GLY C 112 8.17 8.92 -6.40
N ALA C 113 7.30 8.66 -7.36
CA ALA C 113 5.99 9.29 -7.46
C ALA C 113 5.20 8.95 -6.19
N ALA C 114 4.45 9.92 -5.71
CA ALA C 114 3.51 9.76 -4.60
C ALA C 114 2.08 9.50 -5.09
N TYR C 115 1.73 10.04 -6.25
CA TYR C 115 0.34 10.04 -6.73
C TYR C 115 0.07 9.44 -8.13
N ALA C 116 -1.17 9.02 -8.36
CA ALA C 116 -1.70 8.77 -9.72
C ALA C 116 -3.13 9.29 -9.79
N ILE C 117 -3.46 10.16 -10.74
CA ILE C 117 -4.85 10.51 -11.00
C ILE C 117 -5.50 9.28 -11.67
N VAL C 118 -6.68 8.87 -11.20
CA VAL C 118 -7.44 7.80 -11.89
C VAL C 118 -8.88 8.23 -12.07
N GLY C 119 -9.43 7.93 -13.25
CA GLY C 119 -10.83 8.21 -13.53
C GLY C 119 -11.14 9.69 -13.80
N HIS C 120 -10.16 10.48 -14.21
CA HIS C 120 -10.43 11.86 -14.64
C HIS C 120 -11.52 11.88 -15.70
N SER C 121 -12.36 12.90 -15.66
CA SER C 121 -13.51 12.99 -16.58
C SER C 121 -13.03 12.92 -18.02
N GLU C 122 -11.91 13.54 -18.31
CA GLU C 122 -11.39 13.47 -19.68
C GLU C 122 -11.11 12.05 -20.10
N ARG C 123 -10.74 11.19 -19.17
CA ARG C 123 -10.50 9.79 -19.55
C ARG C 123 -11.80 8.97 -19.56
N ARG C 124 -12.69 9.22 -18.64
CA ARG C 124 -13.99 8.56 -18.71
C ARG C 124 -14.74 8.97 -20.02
N ALA C 125 -14.60 10.22 -20.44
CA ALA C 125 -15.32 10.70 -21.63
C ALA C 125 -14.57 10.28 -22.91
N TYR C 126 -13.32 10.70 -23.09
CA TYR C 126 -12.59 10.37 -24.34
C TYR C 126 -12.16 8.93 -24.47
N HIS C 127 -11.86 8.26 -23.37
CA HIS C 127 -11.31 6.90 -23.46
C HIS C 127 -12.30 5.85 -23.01
N GLY C 128 -13.53 6.26 -22.64
CA GLY C 128 -14.57 5.30 -22.27
C GLY C 128 -14.29 4.51 -20.97
N GLU C 129 -13.51 5.04 -20.04
CA GLU C 129 -13.16 4.26 -18.81
C GLU C 129 -14.40 4.11 -17.94
N SER C 130 -14.76 2.87 -17.64
CA SER C 130 -15.91 2.57 -16.82
C SER C 130 -15.63 2.67 -15.31
N ASN C 131 -16.69 2.68 -14.53
CA ASN C 131 -16.59 2.73 -13.07
C ASN C 131 -15.67 1.64 -12.50
N GLU C 132 -15.78 0.46 -13.08
CA GLU C 132 -15.06 -0.73 -12.63
C GLU C 132 -13.60 -0.70 -13.05
N THR C 133 -13.36 -0.18 -14.24
CA THR C 133 -11.98 0.09 -14.69
C THR C 133 -11.26 1.09 -13.73
N VAL C 134 -11.93 2.15 -13.34
CA VAL C 134 -11.35 3.12 -12.43
C VAL C 134 -11.07 2.45 -11.07
N ALA C 135 -11.91 1.51 -10.69
CA ALA C 135 -11.73 0.83 -9.42
C ALA C 135 -10.44 -0.01 -9.51
N ALA C 136 -10.28 -0.73 -10.63
CA ALA C 136 -9.06 -1.55 -10.84
C ALA C 136 -7.83 -0.64 -10.85
N LYS C 137 -7.92 0.53 -11.46
CA LYS C 137 -6.76 1.47 -11.48
C LYS C 137 -6.36 1.93 -10.05
N ALA C 138 -7.37 2.25 -9.23
CA ALA C 138 -7.13 2.65 -7.85
C ALA C 138 -6.39 1.54 -7.09
N ARG C 139 -6.82 0.30 -7.26
CA ARG C 139 -6.18 -0.84 -6.61
C ARG C 139 -4.72 -1.02 -7.06
N ARG C 140 -4.48 -0.98 -8.38
CA ARG C 140 -3.11 -1.05 -8.90
CA ARG C 140 -3.11 -1.05 -8.90
C ARG C 140 -2.23 0.08 -8.31
N ALA C 141 -2.78 1.28 -8.20
CA ALA C 141 -2.03 2.40 -7.62
C ALA C 141 -1.63 2.10 -6.17
N LEU C 142 -2.59 1.65 -5.37
CA LEU C 142 -2.33 1.28 -3.97
C LEU C 142 -1.30 0.13 -3.86
N ALA C 143 -1.46 -0.89 -4.70
CA ALA C 143 -0.60 -2.06 -4.65
C ALA C 143 0.86 -1.67 -4.91
N ALA C 144 1.05 -0.63 -5.73
CA ALA C 144 2.38 -0.12 -6.11
C ALA C 144 2.93 0.93 -5.13
N GLY C 145 2.15 1.34 -4.15
CA GLY C 145 2.59 2.30 -3.16
C GLY C 145 2.31 3.75 -3.52
N LEU C 146 1.37 3.97 -4.43
CA LEU C 146 0.97 5.31 -4.81
C LEU C 146 -0.35 5.62 -4.13
N THR C 147 -0.62 6.89 -3.96
CA THR C 147 -1.96 7.38 -3.55
C THR C 147 -2.76 7.74 -4.80
N PRO C 148 -3.82 6.99 -5.08
CA PRO C 148 -4.66 7.34 -6.19
C PRO C 148 -5.55 8.53 -5.92
N ILE C 149 -5.66 9.45 -6.88
CA ILE C 149 -6.59 10.59 -6.76
C ILE C 149 -7.77 10.19 -7.60
N VAL C 150 -8.81 9.68 -6.93
CA VAL C 150 -9.96 9.04 -7.60
C VAL C 150 -11.01 10.12 -7.98
N CYS C 151 -11.23 10.32 -9.28
CA CYS C 151 -12.08 11.39 -9.77
C CYS C 151 -13.50 10.93 -10.05
N VAL C 152 -14.50 11.68 -9.58
CA VAL C 152 -15.92 11.36 -9.77
C VAL C 152 -16.61 12.64 -10.21
N GLY C 153 -17.75 12.51 -10.86
CA GLY C 153 -18.45 13.70 -11.36
C GLY C 153 -19.60 13.38 -12.30
N GLU C 154 -20.68 14.15 -12.20
CA GLU C 154 -21.89 13.88 -13.01
C GLU C 154 -22.00 14.87 -14.17
N THR C 155 -22.59 14.42 -15.28
CA THR C 155 -22.84 15.29 -16.44
C THR C 155 -24.06 16.24 -16.21
N LEU C 156 -24.21 17.22 -17.09
CA LEU C 156 -25.40 18.12 -17.12
C LEU C 156 -26.70 17.33 -17.18
N ALA C 157 -26.80 16.39 -18.10
CA ALA C 157 -28.02 15.56 -18.25
C ALA C 157 -28.32 14.88 -16.94
N GLU C 158 -27.27 14.38 -16.28
CA GLU C 158 -27.44 13.64 -15.04
C GLU C 158 -27.89 14.54 -13.89
N ARG C 159 -27.28 15.71 -13.81
CA ARG C 159 -27.64 16.68 -12.80
C ARG C 159 -29.08 17.14 -12.99
N GLU C 160 -29.46 17.48 -14.24
CA GLU C 160 -30.84 18.00 -14.52
C GLU C 160 -31.90 16.94 -14.35
N ALA C 161 -31.49 15.67 -14.43
CA ALA C 161 -32.42 14.59 -14.18
C ALA C 161 -32.53 14.26 -12.67
N GLY C 162 -31.89 15.06 -11.82
CA GLY C 162 -31.92 14.82 -10.39
C GLY C 162 -31.06 13.63 -9.90
N THR C 163 -30.11 13.14 -10.72
CA THR C 163 -29.39 11.90 -10.40
C THR C 163 -27.92 12.11 -9.93
N THR C 164 -27.57 13.33 -9.49
CA THR C 164 -26.22 13.63 -9.03
C THR C 164 -25.73 12.57 -8.05
N GLU C 165 -26.55 12.27 -7.07
CA GLU C 165 -26.15 11.37 -6.00
C GLU C 165 -26.05 9.93 -6.44
N GLN C 166 -27.01 9.48 -7.25
CA GLN C 166 -26.97 8.11 -7.76
C GLN C 166 -25.68 7.92 -8.57
N VAL C 167 -25.30 8.93 -9.37
CA VAL C 167 -24.19 8.79 -10.32
C VAL C 167 -22.81 8.84 -9.63
N VAL C 168 -22.55 9.90 -8.85
CA VAL C 168 -21.27 10.06 -8.22
C VAL C 168 -21.18 9.00 -7.11
N GLY C 169 -22.31 8.66 -6.52
CA GLY C 169 -22.37 7.59 -5.56
C GLY C 169 -21.99 6.24 -6.15
N ALA C 170 -22.51 5.93 -7.33
CA ALA C 170 -22.18 4.66 -7.97
C ALA C 170 -20.66 4.66 -8.34
N GLN C 171 -20.15 5.80 -8.79
CA GLN C 171 -18.76 5.91 -9.24
C GLN C 171 -17.83 5.64 -8.06
N LEU C 172 -18.17 6.21 -6.90
CA LEU C 172 -17.38 6.02 -5.69
C LEU C 172 -17.53 4.62 -5.14
N ASP C 173 -18.76 4.15 -5.07
CA ASP C 173 -19.04 2.80 -4.52
C ASP C 173 -18.31 1.73 -5.29
N ALA C 174 -18.13 1.92 -6.59
CA ALA C 174 -17.44 0.92 -7.40
C ALA C 174 -15.98 0.75 -6.92
N VAL C 175 -15.33 1.87 -6.59
CA VAL C 175 -13.97 1.91 -6.07
C VAL C 175 -13.95 1.40 -4.66
N LEU C 176 -14.81 1.88 -3.79
CA LEU C 176 -14.83 1.38 -2.41
C LEU C 176 -15.11 -0.13 -2.34
N ALA C 177 -15.96 -0.64 -3.24
CA ALA C 177 -16.37 -2.08 -3.18
C ALA C 177 -15.21 -3.02 -3.41
N VAL C 178 -14.13 -2.60 -4.06
CA VAL C 178 -12.99 -3.51 -4.23
C VAL C 178 -11.87 -3.35 -3.20
N LEU C 179 -12.08 -2.45 -2.23
CA LEU C 179 -11.10 -2.18 -1.20
C LEU C 179 -11.61 -2.56 0.20
N SER C 180 -10.71 -3.01 1.03
CA SER C 180 -10.99 -3.09 2.46
C SER C 180 -11.00 -1.67 3.02
N PRO C 181 -11.57 -1.49 4.22
CA PRO C 181 -11.54 -0.17 4.88
C PRO C 181 -10.16 0.41 5.08
N ASP C 182 -9.19 -0.44 5.46
CA ASP C 182 -7.85 0.05 5.62
C ASP C 182 -7.27 0.51 4.31
N GLU C 183 -7.60 -0.18 3.22
CA GLU C 183 -7.13 0.26 1.89
C GLU C 183 -7.84 1.54 1.46
N ALA C 184 -9.15 1.61 1.71
CA ALA C 184 -9.95 2.80 1.32
C ALA C 184 -9.44 4.05 2.04
N ALA C 185 -8.92 3.88 3.25
CA ALA C 185 -8.41 5.02 4.04
C ALA C 185 -7.21 5.70 3.40
N ARG C 186 -6.64 5.11 2.36
CA ARG C 186 -5.42 5.62 1.74
C ARG C 186 -5.70 6.40 0.46
N ILE C 187 -6.93 6.46 0.02
CA ILE C 187 -7.21 7.16 -1.24
C ILE C 187 -7.41 8.64 -1.02
N VAL C 188 -7.39 9.36 -2.13
CA VAL C 188 -7.88 10.72 -2.22
C VAL C 188 -9.00 10.72 -3.23
N VAL C 189 -10.04 11.51 -2.98
CA VAL C 189 -11.15 11.65 -3.91
C VAL C 189 -11.25 13.10 -4.39
N ALA C 190 -11.48 13.29 -5.70
CA ALA C 190 -11.69 14.63 -6.28
C ALA C 190 -13.05 14.69 -6.99
N TYR C 191 -13.85 15.71 -6.66
CA TYR C 191 -15.16 15.92 -7.34
C TYR C 191 -14.99 16.91 -8.48
N GLU C 192 -15.35 16.45 -9.68
CA GLU C 192 -15.35 17.28 -10.91
C GLU C 192 -16.79 17.60 -11.35
N PRO C 193 -17.16 18.88 -11.32
CA PRO C 193 -18.51 19.21 -11.81
C PRO C 193 -18.54 19.25 -13.34
N VAL C 194 -18.67 18.07 -13.94
CA VAL C 194 -18.60 17.93 -15.39
C VAL C 194 -19.70 18.75 -16.08
N TRP C 195 -20.85 18.80 -15.43
CA TRP C 195 -21.95 19.64 -15.83
C TRP C 195 -21.64 21.09 -16.05
N ALA C 196 -20.57 21.64 -15.48
CA ALA C 196 -20.20 23.04 -15.73
C ALA C 196 -19.25 23.24 -16.92
N ILE C 197 -18.74 22.16 -17.50
CA ILE C 197 -17.67 22.30 -18.52
C ILE C 197 -18.29 22.64 -19.88
N GLY C 198 -17.91 23.80 -20.41
CA GLY C 198 -18.48 24.32 -21.65
C GLY C 198 -19.84 24.97 -21.51
N THR C 199 -20.21 25.42 -20.32
CA THR C 199 -21.54 26.04 -20.09
C THR C 199 -21.44 27.55 -19.83
N GLY C 200 -20.23 28.06 -19.60
CA GLY C 200 -20.04 29.45 -19.19
C GLY C 200 -20.25 29.69 -17.69
N LYS C 201 -20.97 28.79 -17.02
CA LYS C 201 -21.27 28.92 -15.57
C LYS C 201 -20.36 27.97 -14.77
N SER C 202 -19.85 28.44 -13.64
CA SER C 202 -19.00 27.63 -12.75
C SER C 202 -19.89 27.24 -11.59
N ALA C 203 -19.57 26.13 -10.93
CA ALA C 203 -20.30 25.76 -9.73
C ALA C 203 -19.94 26.81 -8.67
N THR C 204 -20.91 27.07 -7.80
CA THR C 204 -20.67 27.94 -6.66
C THR C 204 -20.01 27.09 -5.55
N ALA C 205 -19.39 27.76 -4.60
CA ALA C 205 -18.82 27.08 -3.46
C ALA C 205 -19.86 26.24 -2.73
N GLU C 206 -21.09 26.73 -2.65
CA GLU C 206 -22.15 26.05 -1.92
C GLU C 206 -22.59 24.77 -2.63
N GLN C 207 -22.63 24.83 -3.95
CA GLN C 207 -22.97 23.66 -4.74
C GLN C 207 -21.88 22.59 -4.63
N ALA C 208 -20.63 23.03 -4.59
CA ALA C 208 -19.51 22.12 -4.39
C ALA C 208 -19.64 21.45 -3.03
N GLN C 209 -19.85 22.26 -1.99
CA GLN C 209 -19.98 21.73 -0.61
C GLN C 209 -21.10 20.69 -0.51
N GLN C 210 -22.21 20.93 -1.18
CA GLN C 210 -23.34 20.02 -1.12
C GLN C 210 -22.94 18.60 -1.61
N VAL C 211 -22.19 18.51 -2.71
CA VAL C 211 -21.74 17.20 -3.21
C VAL C 211 -20.64 16.60 -2.31
N HIS C 212 -19.72 17.45 -1.86
CA HIS C 212 -18.65 16.99 -0.98
C HIS C 212 -19.23 16.39 0.27
N ALA C 213 -20.26 17.03 0.84
CA ALA C 213 -20.91 16.52 2.07
C ALA C 213 -21.56 15.13 1.80
N PHE C 214 -22.16 14.97 0.63
CA PHE C 214 -22.70 13.66 0.27
C PHE C 214 -21.56 12.62 0.17
N LEU C 215 -20.46 12.97 -0.48
CA LEU C 215 -19.34 12.02 -0.70
C LEU C 215 -18.66 11.68 0.62
N ARG C 216 -18.56 12.66 1.50
CA ARG C 216 -18.05 12.46 2.84
C ARG C 216 -18.85 11.41 3.62
N GLY C 217 -20.16 11.44 3.47
CA GLY C 217 -21.04 10.46 4.15
C GLY C 217 -20.84 9.05 3.65
N ARG C 218 -20.59 8.88 2.35
CA ARG C 218 -20.30 7.59 1.81
C ARG C 218 -18.96 7.06 2.27
N LEU C 219 -17.97 7.94 2.30
CA LEU C 219 -16.66 7.58 2.80
C LEU C 219 -16.75 7.15 4.29
N ALA C 220 -17.50 7.90 5.11
CA ALA C 220 -17.61 7.58 6.52
C ALA C 220 -18.28 6.23 6.68
N ALA C 221 -19.31 5.94 5.89
CA ALA C 221 -20.00 4.63 6.01
C ALA C 221 -19.05 3.48 5.68
N LYS C 222 -18.04 3.71 4.85
CA LYS C 222 -17.02 2.70 4.58
C LYS C 222 -15.94 2.61 5.68
N GLY C 223 -15.85 3.61 6.54
CA GLY C 223 -14.74 3.73 7.51
C GLY C 223 -13.54 4.46 6.92
N ALA C 224 -13.79 5.33 5.96
CA ALA C 224 -12.74 6.10 5.33
C ALA C 224 -13.08 7.60 5.38
N GLY C 225 -13.66 8.05 6.48
CA GLY C 225 -14.17 9.43 6.59
C GLY C 225 -13.15 10.54 6.65
N HIS C 226 -11.89 10.18 6.90
CA HIS C 226 -10.77 11.14 7.03
CA HIS C 226 -10.77 11.12 7.03
C HIS C 226 -10.08 11.44 5.71
N VAL C 227 -10.49 10.75 4.66
CA VAL C 227 -9.88 10.89 3.31
C VAL C 227 -10.01 12.35 2.77
N SER C 228 -8.97 12.87 2.12
CA SER C 228 -8.98 14.20 1.54
C SER C 228 -9.94 14.24 0.36
N LEU C 229 -10.84 15.21 0.37
CA LEU C 229 -11.79 15.43 -0.70
C LEU C 229 -11.42 16.75 -1.37
N LEU C 230 -10.94 16.66 -2.60
CA LEU C 230 -10.46 17.81 -3.31
C LEU C 230 -11.49 18.26 -4.34
N TYR C 231 -11.63 19.58 -4.49
CA TYR C 231 -12.51 20.13 -5.51
C TYR C 231 -11.72 20.19 -6.79
N GLY C 232 -12.30 19.68 -7.86
CA GLY C 232 -11.64 19.59 -9.15
C GLY C 232 -12.35 20.33 -10.27
N GLY C 233 -13.25 21.26 -9.94
CA GLY C 233 -13.76 22.19 -10.93
C GLY C 233 -12.72 23.29 -11.11
N SER C 234 -13.11 24.38 -11.76
CA SER C 234 -12.18 25.48 -12.03
C SER C 234 -11.71 26.19 -10.76
N VAL C 235 -10.41 26.09 -10.49
CA VAL C 235 -9.83 26.81 -9.36
C VAL C 235 -8.80 27.79 -9.87
N LYS C 236 -8.95 29.03 -9.44
CA LYS C 236 -8.08 30.15 -9.86
C LYS C 236 -7.64 30.90 -8.58
N ALA C 237 -6.60 31.73 -8.66
CA ALA C 237 -6.12 32.48 -7.46
C ALA C 237 -7.24 33.25 -6.78
N ASP C 238 -8.17 33.81 -7.56
CA ASP C 238 -9.24 34.66 -7.01
C ASP C 238 -10.42 33.91 -6.35
N ASN C 239 -10.55 32.59 -6.53
CA ASN C 239 -11.66 31.83 -5.91
C ASN C 239 -11.24 30.71 -4.95
N ALA C 240 -9.94 30.43 -4.88
CA ALA C 240 -9.43 29.34 -4.05
C ALA C 240 -9.82 29.45 -2.56
N ALA C 241 -9.71 30.65 -1.98
CA ALA C 241 -10.00 30.85 -0.55
C ALA C 241 -11.47 30.52 -0.19
N GLU C 242 -12.40 30.97 -1.03
CA GLU C 242 -13.82 30.70 -0.82
C GLU C 242 -14.14 29.20 -0.92
N LEU C 243 -13.53 28.52 -1.89
CA LEU C 243 -13.78 27.09 -2.11
C LEU C 243 -13.19 26.26 -0.99
N PHE C 244 -11.92 26.52 -0.67
CA PHE C 244 -11.23 25.74 0.34
C PHE C 244 -11.73 26.03 1.76
N GLY C 245 -12.45 27.15 1.94
CA GLY C 245 -13.09 27.48 3.23
C GLY C 245 -14.31 26.62 3.57
N GLN C 246 -14.85 25.92 2.59
CA GLN C 246 -15.98 25.02 2.86
C GLN C 246 -15.57 23.81 3.72
N PRO C 247 -16.47 23.35 4.57
CA PRO C 247 -16.07 22.35 5.55
C PRO C 247 -15.69 20.97 5.02
N ASP C 248 -16.21 20.57 3.87
CA ASP C 248 -15.82 19.24 3.33
C ASP C 248 -14.91 19.31 2.10
N ILE C 249 -14.37 20.49 1.82
CA ILE C 249 -13.42 20.68 0.73
C ILE C 249 -12.05 20.85 1.36
N ASP C 250 -11.18 19.86 1.12
CA ASP C 250 -9.86 19.77 1.76
C ASP C 250 -8.75 20.29 0.86
N GLY C 251 -9.10 20.89 -0.28
CA GLY C 251 -8.09 21.38 -1.21
C GLY C 251 -8.55 21.23 -2.64
N GLY C 252 -7.62 21.16 -3.58
CA GLY C 252 -7.97 21.16 -5.00
C GLY C 252 -7.07 20.35 -5.90
N LEU C 253 -7.67 19.79 -6.98
CA LEU C 253 -6.95 19.26 -8.12
C LEU C 253 -7.05 20.34 -9.22
N ILE C 254 -5.94 21.06 -9.43
CA ILE C 254 -5.92 22.27 -10.20
C ILE C 254 -5.58 22.01 -11.67
N GLY C 255 -6.33 22.62 -12.57
CA GLY C 255 -6.07 22.53 -13.99
C GLY C 255 -5.11 23.58 -14.53
N GLY C 256 -5.64 24.47 -15.38
CA GLY C 256 -4.80 25.46 -16.11
C GLY C 256 -3.95 26.39 -15.26
N ALA C 257 -4.45 26.75 -14.08
CA ALA C 257 -3.71 27.58 -13.16
C ALA C 257 -2.44 26.85 -12.64
N SER C 258 -2.39 25.53 -12.77
CA SER C 258 -1.16 24.83 -12.37
C SER C 258 0.00 25.12 -13.31
N LEU C 259 -0.27 25.65 -14.50
CA LEU C 259 0.79 25.88 -15.48
C LEU C 259 1.61 27.17 -15.28
N LYS C 260 1.19 28.07 -14.40
CA LYS C 260 1.92 29.34 -14.16
C LYS C 260 2.24 29.40 -12.67
N SER C 261 3.53 29.43 -12.31
CA SER C 261 3.89 29.25 -10.89
C SER C 261 3.22 30.26 -9.94
N GLY C 262 3.06 31.50 -10.37
CA GLY C 262 2.48 32.53 -9.49
C GLY C 262 1.05 32.19 -9.12
N ASP C 263 0.27 31.76 -10.10
CA ASP C 263 -1.13 31.40 -9.85
C ASP C 263 -1.26 30.14 -8.99
N PHE C 264 -0.40 29.17 -9.23
CA PHE C 264 -0.44 27.88 -8.52
C PHE C 264 -0.08 28.06 -7.06
N LEU C 265 0.95 28.88 -6.81
CA LEU C 265 1.38 29.13 -5.45
C LEU C 265 0.31 29.96 -4.70
N ALA C 266 -0.29 30.93 -5.39
CA ALA C 266 -1.41 31.67 -4.79
C ALA C 266 -2.48 30.64 -4.31
N ILE C 267 -2.82 29.66 -5.14
CA ILE C 267 -3.81 28.65 -4.79
C ILE C 267 -3.32 27.81 -3.61
N CYS C 268 -2.04 27.40 -3.62
CA CYS C 268 -1.46 26.68 -2.52
C CYS C 268 -1.56 27.44 -1.19
N ARG C 269 -1.26 28.74 -1.22
CA ARG C 269 -1.33 29.56 0.00
C ARG C 269 -2.73 29.66 0.56
N ALA C 270 -3.72 29.68 -0.31
CA ALA C 270 -5.13 29.79 0.14
C ALA C 270 -5.66 28.55 0.85
N ALA C 271 -4.92 27.46 0.79
CA ALA C 271 -5.39 26.21 1.40
C ALA C 271 -4.98 26.11 2.88
N LYS C 272 -4.23 27.10 3.40
CA LYS C 272 -3.93 27.21 4.88
C LYS C 272 -5.19 26.81 5.70
N GLN D 25 15.34 -0.08 -53.69
CA GLN D 25 15.35 -1.12 -52.59
C GLN D 25 14.86 -0.46 -51.27
N ARG D 26 13.94 -1.14 -50.56
CA ARG D 26 13.24 -0.62 -49.39
C ARG D 26 13.96 -0.93 -48.05
N ILE D 27 13.63 -0.16 -47.01
CA ILE D 27 14.31 -0.28 -45.72
C ILE D 27 13.79 -1.53 -44.97
N LYS D 28 14.71 -2.44 -44.61
CA LYS D 28 14.40 -3.63 -43.78
C LYS D 28 14.43 -3.22 -42.28
N ARG D 29 13.42 -3.63 -41.51
CA ARG D 29 13.32 -3.19 -40.10
C ARG D 29 12.82 -4.29 -39.16
N VAL D 30 13.43 -4.39 -37.97
CA VAL D 30 12.94 -5.23 -36.93
C VAL D 30 12.79 -4.34 -35.69
N ILE D 31 11.57 -4.21 -35.23
CA ILE D 31 11.21 -3.31 -34.13
C ILE D 31 10.51 -4.12 -33.06
N GLY D 32 11.04 -4.08 -31.87
CA GLY D 32 10.38 -4.74 -30.73
C GLY D 32 9.31 -3.87 -30.09
N ASN D 33 8.13 -4.44 -29.86
CA ASN D 33 7.12 -3.78 -29.10
C ASN D 33 7.09 -4.47 -27.73
N TRP D 34 7.67 -3.84 -26.72
CA TRP D 34 7.67 -4.41 -25.39
C TRP D 34 6.32 -4.50 -24.75
N LYS D 35 5.36 -3.71 -25.25
CA LYS D 35 4.05 -3.58 -24.64
C LYS D 35 4.19 -3.13 -23.17
N MET D 36 3.33 -3.57 -22.26
CA MET D 36 3.41 -3.08 -20.87
C MET D 36 4.24 -4.04 -20.03
N HIS D 37 5.54 -4.02 -20.33
CA HIS D 37 6.53 -4.80 -19.61
C HIS D 37 7.72 -3.93 -19.32
N GLY D 38 8.43 -4.23 -18.24
CA GLY D 38 9.72 -3.59 -17.98
C GLY D 38 9.75 -2.71 -16.74
N ARG D 39 10.88 -2.81 -16.04
CA ARG D 39 11.24 -1.95 -14.91
C ARG D 39 12.71 -1.58 -15.11
N LEU D 40 13.19 -0.53 -14.42
CA LEU D 40 14.51 0.02 -14.71
C LEU D 40 15.60 -1.04 -14.85
N SER D 41 15.73 -1.93 -13.87
CA SER D 41 16.92 -2.75 -13.89
C SER D 41 16.84 -3.90 -14.93
N GLY D 42 15.66 -4.48 -15.14
CA GLY D 42 15.44 -5.41 -16.24
C GLY D 42 15.56 -4.74 -17.63
N ASN D 43 15.10 -3.51 -17.75
CA ASN D 43 15.28 -2.72 -19.00
C ASN D 43 16.77 -2.55 -19.32
N GLN D 44 17.57 -2.22 -18.31
CA GLN D 44 19.01 -2.06 -18.55
C GLN D 44 19.66 -3.36 -19.04
N ALA D 45 19.29 -4.48 -18.44
CA ALA D 45 19.82 -5.79 -18.86
C ALA D 45 19.44 -6.09 -20.33
N LEU D 46 18.16 -5.96 -20.67
CA LEU D 46 17.68 -6.23 -22.04
C LEU D 46 18.35 -5.30 -23.05
N LEU D 47 18.40 -4.00 -22.72
CA LEU D 47 18.98 -3.01 -23.61
C LEU D 47 20.47 -3.28 -23.85
N THR D 48 21.22 -3.66 -22.81
CA THR D 48 22.64 -3.95 -22.94
C THR D 48 22.88 -5.15 -23.84
N GLU D 49 22.19 -6.24 -23.56
CA GLU D 49 22.28 -7.44 -24.39
C GLU D 49 21.92 -7.18 -25.85
N VAL D 50 20.85 -6.45 -26.10
CA VAL D 50 20.45 -6.15 -27.47
C VAL D 50 21.44 -5.26 -28.19
N ALA D 51 21.90 -4.19 -27.54
CA ALA D 51 22.92 -3.31 -28.12
C ALA D 51 24.21 -4.09 -28.48
N GLN D 52 24.68 -4.95 -27.58
CA GLN D 52 25.88 -5.74 -27.84
C GLN D 52 25.63 -6.75 -28.99
N GLY D 53 24.52 -7.47 -28.96
CA GLY D 53 24.20 -8.43 -30.02
C GLY D 53 23.95 -7.81 -31.40
N ALA D 54 23.47 -6.55 -31.40
CA ALA D 54 23.06 -5.88 -32.66
C ALA D 54 24.24 -5.69 -33.58
N GLN D 55 25.43 -5.64 -33.02
CA GLN D 55 26.65 -5.48 -33.82
C GLN D 55 26.73 -6.58 -34.88
N ALA D 56 26.32 -7.79 -34.52
CA ALA D 56 26.48 -8.96 -35.38
C ALA D 56 25.43 -9.09 -36.48
N VAL D 57 24.42 -8.23 -36.45
CA VAL D 57 23.31 -8.34 -37.41
C VAL D 57 23.73 -7.63 -38.68
N HIS D 58 23.35 -8.17 -39.84
CA HIS D 58 23.75 -7.56 -41.13
C HIS D 58 23.36 -6.12 -41.12
N ASP D 59 24.20 -5.27 -41.74
CA ASP D 59 24.07 -3.83 -41.59
C ASP D 59 22.91 -3.19 -42.37
N ASN D 60 22.18 -3.95 -43.18
CA ASN D 60 20.99 -3.37 -43.80
C ASN D 60 19.71 -3.43 -42.90
N VAL D 61 19.79 -4.04 -41.71
CA VAL D 61 18.60 -4.19 -40.85
C VAL D 61 18.52 -3.03 -39.83
N ALA D 62 17.48 -2.18 -39.93
CA ALA D 62 17.22 -1.11 -38.92
C ALA D 62 16.51 -1.73 -37.70
N ILE D 63 17.20 -1.74 -36.55
CA ILE D 63 16.75 -2.42 -35.34
C ILE D 63 16.28 -1.33 -34.40
N GLY D 64 15.11 -1.54 -33.81
CA GLY D 64 14.53 -0.55 -32.89
C GLY D 64 13.74 -1.21 -31.77
N VAL D 65 13.57 -0.47 -30.67
CA VAL D 65 12.74 -0.93 -29.52
C VAL D 65 11.75 0.17 -29.09
N CYS D 66 10.48 -0.19 -28.98
CA CYS D 66 9.44 0.76 -28.47
C CYS D 66 9.05 0.43 -27.04
N VAL D 67 9.37 1.36 -26.15
CA VAL D 67 9.34 1.18 -24.70
C VAL D 67 8.18 1.98 -24.06
N PRO D 68 7.78 1.64 -22.84
CA PRO D 68 6.76 2.42 -22.17
C PRO D 68 7.24 3.84 -21.84
N PHE D 69 6.31 4.77 -21.86
CA PHE D 69 6.60 6.20 -21.84
C PHE D 69 7.62 6.62 -20.80
N PRO D 70 7.48 6.17 -19.55
CA PRO D 70 8.42 6.67 -18.53
C PRO D 70 9.89 6.30 -18.74
N TYR D 71 10.15 5.33 -19.61
CA TYR D 71 11.51 4.81 -19.83
C TYR D 71 12.13 5.31 -21.11
N LEU D 72 11.48 6.25 -21.78
CA LEU D 72 12.14 6.89 -22.94
C LEU D 72 13.49 7.51 -22.59
N ALA D 73 13.60 8.16 -21.43
CA ALA D 73 14.87 8.79 -21.06
C ALA D 73 15.96 7.70 -20.86
N GLN D 74 15.56 6.60 -20.25
CA GLN D 74 16.48 5.50 -20.02
C GLN D 74 16.92 4.89 -21.35
N ALA D 75 16.01 4.69 -22.28
CA ALA D 75 16.39 4.15 -23.57
C ALA D 75 17.41 5.10 -24.26
N GLN D 76 17.11 6.39 -24.28
CA GLN D 76 18.04 7.34 -24.87
C GLN D 76 19.42 7.25 -24.22
N ALA D 77 19.49 7.29 -22.91
CA ALA D 77 20.80 7.27 -22.24
C ALA D 77 21.61 6.02 -22.60
N GLN D 78 20.92 4.90 -22.70
CA GLN D 78 21.55 3.64 -22.94
C GLN D 78 21.90 3.38 -24.43
N LEU D 79 21.09 3.86 -25.36
CA LEU D 79 21.25 3.49 -26.78
C LEU D 79 21.86 4.56 -27.69
N GLN D 80 21.83 5.81 -27.24
CA GLN D 80 22.35 6.98 -27.97
C GLN D 80 23.71 6.71 -28.62
N GLY D 81 23.87 7.08 -29.88
CA GLY D 81 25.11 6.85 -30.60
C GLY D 81 25.29 5.45 -31.20
N GLY D 82 24.40 4.51 -30.89
CA GLY D 82 24.50 3.14 -31.42
C GLY D 82 23.55 2.92 -32.60
N ARG D 83 23.44 1.69 -33.05
CA ARG D 83 22.60 1.42 -34.20
C ARG D 83 21.14 1.05 -33.85
N VAL D 84 20.85 0.90 -32.55
CA VAL D 84 19.49 0.58 -32.14
C VAL D 84 18.68 1.85 -31.84
N SER D 85 17.58 2.02 -32.56
CA SER D 85 16.65 3.14 -32.33
C SER D 85 15.62 2.80 -31.27
N TRP D 86 14.93 3.82 -30.77
CA TRP D 86 13.85 3.63 -29.79
C TRP D 86 12.63 4.47 -30.09
N GLY D 87 11.52 4.19 -29.42
CA GLY D 87 10.23 4.84 -29.74
C GLY D 87 9.20 4.61 -28.67
N SER D 88 8.04 5.27 -28.83
CA SER D 88 6.89 5.08 -27.96
C SER D 88 5.92 4.09 -28.56
N GLN D 89 4.96 3.68 -27.76
CA GLN D 89 3.98 2.70 -28.18
C GLN D 89 2.66 3.38 -28.55
N ASP D 90 2.62 4.71 -28.45
CA ASP D 90 1.43 5.52 -28.79
C ASP D 90 1.85 7.00 -28.81
N VAL D 91 1.05 7.84 -29.46
CA VAL D 91 1.08 9.30 -29.25
C VAL D 91 -0.33 9.86 -29.36
N SER D 92 -0.56 11.03 -28.76
CA SER D 92 -1.85 11.71 -28.83
C SER D 92 -2.19 12.10 -30.25
N ALA D 93 -3.50 12.19 -30.50
CA ALA D 93 -4.04 12.82 -31.70
C ALA D 93 -3.89 14.34 -31.71
N HIS D 94 -3.49 14.92 -30.59
CA HIS D 94 -3.35 16.41 -30.48
C HIS D 94 -1.98 16.80 -30.09
N GLU D 95 -1.64 18.06 -30.27
CA GLU D 95 -0.30 18.56 -29.95
C GLU D 95 -0.24 19.02 -28.48
N GLN D 96 -1.37 19.51 -27.95
CA GLN D 96 -1.45 19.94 -26.54
C GLN D 96 -2.90 20.12 -26.13
N GLY D 97 -3.15 20.16 -24.82
CA GLY D 97 -4.48 20.50 -24.32
C GLY D 97 -5.02 19.65 -23.15
N ALA D 98 -6.32 19.76 -22.99
CA ALA D 98 -7.03 19.22 -21.83
C ALA D 98 -7.35 17.73 -22.07
N TYR D 99 -6.30 16.90 -22.05
CA TYR D 99 -6.34 15.47 -22.38
C TYR D 99 -5.53 14.70 -21.32
N THR D 100 -6.07 14.69 -20.09
CA THR D 100 -5.37 14.12 -18.96
C THR D 100 -4.88 12.72 -19.32
N GLY D 101 -3.61 12.46 -19.03
CA GLY D 101 -2.99 11.17 -19.26
C GLY D 101 -2.31 10.94 -20.61
N GLU D 102 -2.66 11.72 -21.61
CA GLU D 102 -2.12 11.57 -22.95
C GLU D 102 -0.77 12.24 -23.13
N VAL D 103 0.05 11.63 -24.00
CA VAL D 103 1.40 12.05 -24.26
C VAL D 103 1.53 12.51 -25.71
N ALA D 104 2.05 13.72 -25.89
CA ALA D 104 2.18 14.32 -27.22
C ALA D 104 3.42 13.78 -27.96
N ALA D 105 3.31 13.67 -29.28
CA ALA D 105 4.45 13.28 -30.13
C ALA D 105 5.65 14.18 -29.86
N GLY D 106 5.39 15.48 -29.70
CA GLY D 106 6.46 16.43 -29.32
C GLY D 106 7.22 16.06 -28.05
N MET D 107 6.54 15.41 -27.11
CA MET D 107 7.19 15.01 -25.87
C MET D 107 8.13 13.83 -26.11
N VAL D 108 7.63 12.85 -26.87
CA VAL D 108 8.37 11.69 -27.19
C VAL D 108 9.62 12.11 -27.99
N ALA D 109 9.44 12.98 -28.98
CA ALA D 109 10.56 13.44 -29.82
C ALA D 109 11.70 14.04 -29.00
N GLU D 110 11.41 14.69 -27.86
CA GLU D 110 12.50 15.35 -27.10
C GLU D 110 13.52 14.35 -26.54
N PHE D 111 13.17 13.06 -26.52
CA PHE D 111 14.08 12.06 -25.98
C PHE D 111 14.82 11.32 -27.09
N GLY D 112 14.86 11.93 -28.27
CA GLY D 112 15.62 11.38 -29.45
C GLY D 112 14.99 10.12 -30.06
N ALA D 113 13.73 9.86 -29.73
CA ALA D 113 13.02 8.73 -30.29
C ALA D 113 12.94 8.91 -31.81
N ALA D 114 12.99 7.79 -32.50
CA ALA D 114 12.79 7.67 -33.93
C ALA D 114 11.35 7.27 -34.30
N TYR D 115 10.70 6.50 -33.43
CA TYR D 115 9.41 5.90 -33.77
C TYR D 115 8.24 6.15 -32.80
N ALA D 116 7.03 6.00 -33.30
CA ALA D 116 5.85 5.89 -32.47
C ALA D 116 4.87 4.86 -33.10
N ILE D 117 4.46 3.82 -32.36
CA ILE D 117 3.42 2.88 -32.84
C ILE D 117 2.10 3.64 -32.75
N VAL D 118 1.29 3.62 -33.81
CA VAL D 118 -0.04 4.19 -33.76
C VAL D 118 -1.06 3.16 -34.29
N GLY D 119 -2.21 3.06 -33.64
CA GLY D 119 -3.27 2.17 -34.09
C GLY D 119 -3.04 0.70 -33.83
N HIS D 120 -2.20 0.36 -32.86
CA HIS D 120 -2.05 -1.06 -32.48
C HIS D 120 -3.41 -1.66 -32.17
N SER D 121 -3.59 -2.92 -32.55
CA SER D 121 -4.88 -3.61 -32.32
C SER D 121 -5.33 -3.54 -30.86
N GLU D 122 -4.39 -3.64 -29.93
CA GLU D 122 -4.75 -3.48 -28.52
C GLU D 122 -5.35 -2.12 -28.20
N ARG D 123 -4.97 -1.06 -28.91
CA ARG D 123 -5.55 0.24 -28.66
C ARG D 123 -6.85 0.47 -29.44
N ARG D 124 -6.93 -0.03 -30.66
CA ARG D 124 -8.20 -0.02 -31.35
C ARG D 124 -9.27 -0.83 -30.55
N ALA D 125 -8.90 -1.94 -29.91
CA ALA D 125 -9.92 -2.75 -29.17
C ALA D 125 -10.18 -2.16 -27.83
N TYR D 126 -9.15 -2.10 -26.98
CA TYR D 126 -9.35 -1.66 -25.59
C TYR D 126 -9.63 -0.18 -25.42
N HIS D 127 -9.14 0.66 -26.32
CA HIS D 127 -9.35 2.10 -26.15
C HIS D 127 -10.25 2.72 -27.19
N GLY D 128 -10.80 1.91 -28.08
CA GLY D 128 -11.79 2.41 -29.04
C GLY D 128 -11.23 3.38 -30.07
N GLU D 129 -9.94 3.28 -30.41
CA GLU D 129 -9.36 4.22 -31.37
C GLU D 129 -9.91 3.90 -32.76
N SER D 130 -10.55 4.88 -33.39
CA SER D 130 -11.09 4.77 -34.71
C SER D 130 -10.02 4.93 -35.81
N ASN D 131 -10.38 4.52 -37.03
CA ASN D 131 -9.53 4.74 -38.20
C ASN D 131 -8.99 6.18 -38.36
N GLU D 132 -9.86 7.15 -38.09
CA GLU D 132 -9.56 8.57 -38.25
C GLU D 132 -8.68 9.12 -37.13
N THR D 133 -8.91 8.63 -35.91
CA THR D 133 -8.01 8.92 -34.79
C THR D 133 -6.57 8.42 -35.06
N VAL D 134 -6.44 7.23 -35.64
CA VAL D 134 -5.12 6.71 -35.95
C VAL D 134 -4.48 7.60 -37.02
N ALA D 135 -5.27 8.13 -37.94
CA ALA D 135 -4.72 8.99 -38.99
C ALA D 135 -4.19 10.27 -38.36
N ALA D 136 -4.95 10.87 -37.43
CA ALA D 136 -4.45 12.07 -36.75
C ALA D 136 -3.16 11.75 -35.99
N LYS D 137 -3.11 10.58 -35.36
CA LYS D 137 -1.90 10.22 -34.62
C LYS D 137 -0.67 10.14 -35.54
N ALA D 138 -0.86 9.56 -36.71
CA ALA D 138 0.21 9.48 -37.69
C ALA D 138 0.74 10.86 -38.07
N ARG D 139 -0.16 11.80 -38.31
CA ARG D 139 0.21 13.15 -38.68
C ARG D 139 0.96 13.84 -37.56
N ARG D 140 0.47 13.74 -36.31
CA ARG D 140 1.20 14.30 -35.15
CA ARG D 140 1.21 14.32 -35.18
C ARG D 140 2.62 13.72 -35.06
N ALA D 141 2.74 12.42 -35.28
CA ALA D 141 4.07 11.78 -35.22
C ALA D 141 5.02 12.42 -36.27
N LEU D 142 4.55 12.52 -37.49
CA LEU D 142 5.34 13.13 -38.57
C LEU D 142 5.71 14.59 -38.29
N ALA D 143 4.75 15.38 -37.80
CA ALA D 143 4.98 16.76 -37.51
C ALA D 143 6.06 16.97 -36.45
N ALA D 144 6.20 16.01 -35.56
CA ALA D 144 7.18 16.06 -34.48
C ALA D 144 8.51 15.42 -34.86
N GLY D 145 8.59 14.85 -36.05
CA GLY D 145 9.84 14.25 -36.51
C GLY D 145 10.03 12.78 -36.17
N LEU D 146 8.92 12.09 -35.88
CA LEU D 146 8.96 10.66 -35.65
C LEU D 146 8.44 9.90 -36.87
N THR D 147 8.85 8.64 -37.00
CA THR D 147 8.29 7.74 -37.97
C THR D 147 7.18 6.94 -37.31
N PRO D 148 5.94 7.14 -37.75
CA PRO D 148 4.85 6.41 -37.16
C PRO D 148 4.82 5.00 -37.72
N ILE D 149 4.59 4.02 -36.87
CA ILE D 149 4.39 2.63 -37.32
C ILE D 149 2.90 2.39 -37.27
N VAL D 150 2.27 2.49 -38.44
CA VAL D 150 0.83 2.50 -38.53
C VAL D 150 0.35 1.05 -38.62
N CYS D 151 -0.39 0.63 -37.59
CA CYS D 151 -0.85 -0.77 -37.48
C CYS D 151 -2.22 -0.95 -38.09
N VAL D 152 -2.36 -2.01 -38.89
CA VAL D 152 -3.63 -2.39 -39.49
C VAL D 152 -3.81 -3.88 -39.30
N GLY D 153 -5.05 -4.35 -39.32
CA GLY D 153 -5.31 -5.77 -39.05
C GLY D 153 -6.77 -6.12 -38.81
N GLU D 154 -7.17 -7.31 -39.26
CA GLU D 154 -8.56 -7.74 -39.18
C GLU D 154 -8.76 -8.79 -38.07
N THR D 155 -9.96 -8.83 -37.49
CA THR D 155 -10.34 -9.89 -36.54
C THR D 155 -10.67 -11.24 -37.21
N LEU D 156 -10.74 -12.29 -36.39
CA LEU D 156 -11.20 -13.62 -36.83
C LEU D 156 -12.57 -13.59 -37.53
N ALA D 157 -13.54 -12.91 -36.92
CA ALA D 157 -14.87 -12.77 -37.56
C ALA D 157 -14.73 -12.19 -38.96
N GLU D 158 -13.89 -11.17 -39.06
CA GLU D 158 -13.75 -10.41 -40.30
C GLU D 158 -13.09 -11.27 -41.37
N ARG D 159 -12.09 -12.03 -40.97
CA ARG D 159 -11.38 -12.88 -41.88
C ARG D 159 -12.27 -14.02 -42.37
N GLU D 160 -12.98 -14.65 -41.44
CA GLU D 160 -13.89 -15.77 -41.81
C GLU D 160 -15.06 -15.28 -42.66
N ALA D 161 -15.38 -13.98 -42.59
CA ALA D 161 -16.41 -13.39 -43.42
C ALA D 161 -15.85 -12.97 -44.80
N GLY D 162 -14.59 -13.28 -45.07
CA GLY D 162 -13.93 -12.89 -46.32
C GLY D 162 -13.58 -11.39 -46.47
N THR D 163 -13.55 -10.62 -45.37
CA THR D 163 -13.49 -9.14 -45.49
C THR D 163 -12.14 -8.52 -45.13
N THR D 164 -11.11 -9.35 -45.12
CA THR D 164 -9.79 -8.90 -44.80
C THR D 164 -9.40 -7.60 -45.55
N GLU D 165 -9.60 -7.60 -46.86
CA GLU D 165 -9.20 -6.50 -47.71
C GLU D 165 -10.03 -5.25 -47.45
N GLN D 166 -11.35 -5.39 -47.30
CA GLN D 166 -12.20 -4.24 -47.06
C GLN D 166 -11.71 -3.57 -45.77
N VAL D 167 -11.38 -4.38 -44.77
CA VAL D 167 -11.10 -3.84 -43.42
C VAL D 167 -9.74 -3.15 -43.36
N VAL D 168 -8.68 -3.88 -43.74
CA VAL D 168 -7.33 -3.36 -43.62
C VAL D 168 -7.13 -2.28 -44.68
N GLY D 169 -7.84 -2.40 -45.81
CA GLY D 169 -7.92 -1.33 -46.78
C GLY D 169 -8.51 -0.05 -46.23
N ALA D 170 -9.61 -0.14 -45.51
CA ALA D 170 -10.24 1.07 -44.95
C ALA D 170 -9.30 1.69 -43.90
N GLN D 171 -8.64 0.85 -43.13
CA GLN D 171 -7.78 1.34 -42.07
C GLN D 171 -6.61 2.13 -42.65
N LEU D 172 -6.02 1.61 -43.73
CA LEU D 172 -4.86 2.27 -44.36
C LEU D 172 -5.33 3.51 -45.11
N ASP D 173 -6.44 3.38 -45.84
CA ASP D 173 -6.93 4.53 -46.60
C ASP D 173 -7.21 5.75 -45.72
N ALA D 174 -7.68 5.52 -44.50
CA ALA D 174 -8.01 6.64 -43.62
C ALA D 174 -6.72 7.48 -43.29
N VAL D 175 -5.61 6.78 -43.10
CA VAL D 175 -4.31 7.38 -42.87
C VAL D 175 -3.79 8.02 -44.14
N LEU D 176 -3.83 7.32 -45.28
CA LEU D 176 -3.30 7.91 -46.48
C LEU D 176 -4.07 9.18 -46.85
N ALA D 177 -5.37 9.18 -46.56
CA ALA D 177 -6.23 10.33 -47.00
C ALA D 177 -5.82 11.65 -46.41
N VAL D 178 -5.17 11.65 -45.25
CA VAL D 178 -4.84 12.93 -44.61
C VAL D 178 -3.42 13.37 -44.88
N LEU D 179 -2.71 12.59 -45.69
CA LEU D 179 -1.32 12.89 -46.02
C LEU D 179 -1.14 13.21 -47.50
N SER D 180 -0.20 14.11 -47.79
CA SER D 180 0.28 14.24 -49.16
C SER D 180 1.18 13.02 -49.45
N PRO D 181 1.48 12.78 -50.73
CA PRO D 181 2.34 11.64 -51.09
C PRO D 181 3.74 11.73 -50.47
N ASP D 182 4.28 12.94 -50.39
CA ASP D 182 5.59 13.09 -49.78
C ASP D 182 5.54 12.79 -48.29
N GLU D 183 4.45 13.13 -47.64
CA GLU D 183 4.30 12.76 -46.24
C GLU D 183 4.14 11.24 -46.12
N ALA D 184 3.33 10.66 -47.00
CA ALA D 184 2.96 9.24 -46.85
C ALA D 184 4.20 8.39 -47.05
N ALA D 185 5.17 8.90 -47.82
CA ALA D 185 6.41 8.16 -48.09
C ALA D 185 7.26 7.97 -46.83
N ARG D 186 6.92 8.67 -45.76
CA ARG D 186 7.70 8.63 -44.52
C ARG D 186 7.14 7.63 -43.48
N ILE D 187 5.99 7.02 -43.75
CA ILE D 187 5.39 6.14 -42.73
C ILE D 187 5.95 4.75 -42.84
N VAL D 188 5.77 3.99 -41.76
CA VAL D 188 5.91 2.56 -41.80
C VAL D 188 4.52 1.98 -41.57
N VAL D 189 4.22 0.85 -42.20
CA VAL D 189 2.97 0.14 -41.97
C VAL D 189 3.27 -1.29 -41.44
N ALA D 190 2.52 -1.71 -40.42
CA ALA D 190 2.63 -3.05 -39.87
C ALA D 190 1.29 -3.77 -39.96
N TYR D 191 1.31 -4.99 -40.51
CA TYR D 191 0.10 -5.84 -40.58
C TYR D 191 0.08 -6.81 -39.40
N GLU D 192 -0.99 -6.71 -38.61
CA GLU D 192 -1.27 -7.62 -37.48
C GLU D 192 -2.44 -8.56 -37.81
N PRO D 193 -2.16 -9.84 -38.00
CA PRO D 193 -3.26 -10.76 -38.12
C PRO D 193 -3.92 -10.98 -36.74
N VAL D 194 -4.79 -10.07 -36.30
CA VAL D 194 -5.44 -10.17 -34.99
C VAL D 194 -6.17 -11.51 -34.88
N TRP D 195 -6.73 -11.94 -36.01
CA TRP D 195 -7.36 -13.26 -36.14
C TRP D 195 -6.54 -14.45 -35.71
N ALA D 196 -5.22 -14.33 -35.67
CA ALA D 196 -4.39 -15.35 -35.05
C ALA D 196 -4.37 -14.97 -33.60
N ALA D 203 -0.95 -18.31 -38.75
CA ALA D 203 -0.78 -17.60 -40.03
C ALA D 203 0.45 -18.09 -40.77
N THR D 204 0.26 -18.54 -42.01
CA THR D 204 1.38 -19.03 -42.83
C THR D 204 2.07 -17.84 -43.49
N ALA D 205 3.29 -18.08 -43.95
CA ALA D 205 4.02 -17.08 -44.73
C ALA D 205 3.25 -16.65 -45.97
N GLU D 206 2.58 -17.59 -46.64
CA GLU D 206 1.85 -17.31 -47.89
C GLU D 206 0.64 -16.41 -47.60
N GLN D 207 -0.04 -16.65 -46.47
CA GLN D 207 -1.18 -15.81 -46.07
C GLN D 207 -0.73 -14.37 -45.74
N ALA D 208 0.43 -14.25 -45.08
CA ALA D 208 0.95 -12.94 -44.72
C ALA D 208 1.27 -12.18 -46.00
N GLN D 209 1.94 -12.86 -46.95
CA GLN D 209 2.33 -12.26 -48.24
C GLN D 209 1.11 -11.79 -49.02
N GLN D 210 0.03 -12.57 -49.00
CA GLN D 210 -1.18 -12.21 -49.71
C GLN D 210 -1.71 -10.83 -49.24
N VAL D 211 -1.76 -10.60 -47.93
CA VAL D 211 -2.21 -9.31 -47.39
C VAL D 211 -1.19 -8.19 -47.69
N HIS D 212 0.08 -8.50 -47.51
CA HIS D 212 1.12 -7.50 -47.78
C HIS D 212 1.09 -7.05 -49.21
N ALA D 213 0.87 -7.98 -50.15
CA ALA D 213 0.76 -7.61 -51.58
C ALA D 213 -0.43 -6.67 -51.81
N PHE D 214 -1.54 -6.94 -51.15
CA PHE D 214 -2.68 -6.04 -51.23
C PHE D 214 -2.34 -4.66 -50.68
N LEU D 215 -1.69 -4.61 -49.53
CA LEU D 215 -1.36 -3.31 -48.93
C LEU D 215 -0.36 -2.54 -49.80
N ARG D 216 0.61 -3.26 -50.35
CA ARG D 216 1.60 -2.66 -51.22
C ARG D 216 0.93 -1.96 -52.40
N GLY D 217 -0.10 -2.57 -52.95
CA GLY D 217 -0.82 -1.97 -54.09
C GLY D 217 -1.57 -0.69 -53.75
N ARG D 218 -2.09 -0.61 -52.55
CA ARG D 218 -2.70 0.63 -52.06
C ARG D 218 -1.67 1.73 -51.82
N LEU D 219 -0.55 1.35 -51.24
CA LEU D 219 0.55 2.28 -51.04
C LEU D 219 1.05 2.82 -52.39
N ALA D 220 1.22 1.94 -53.39
CA ALA D 220 1.76 2.38 -54.70
C ALA D 220 0.78 3.34 -55.34
N ALA D 221 -0.51 3.09 -55.23
CA ALA D 221 -1.50 4.01 -55.84
C ALA D 221 -1.40 5.40 -55.23
N LYS D 222 -0.99 5.49 -53.97
CA LYS D 222 -0.80 6.80 -53.35
C LYS D 222 0.54 7.45 -53.74
N GLY D 223 1.48 6.68 -54.28
CA GLY D 223 2.85 7.13 -54.49
C GLY D 223 3.71 6.92 -53.27
N ALA D 224 3.37 5.91 -52.48
CA ALA D 224 4.15 5.55 -51.30
C ALA D 224 4.57 4.10 -51.34
N GLY D 225 4.91 3.59 -52.53
CA GLY D 225 5.16 2.16 -52.73
C GLY D 225 6.43 1.59 -52.10
N HIS D 226 7.36 2.47 -51.70
CA HIS D 226 8.64 2.10 -51.10
C HIS D 226 8.60 1.93 -49.61
N VAL D 227 7.45 2.26 -49.02
CA VAL D 227 7.27 2.22 -47.55
C VAL D 227 7.53 0.80 -46.96
N SER D 228 8.21 0.70 -45.82
CA SER D 228 8.45 -0.61 -45.18
C SER D 228 7.11 -1.19 -44.68
N LEU D 229 6.85 -2.43 -45.04
CA LEU D 229 5.69 -3.18 -44.60
C LEU D 229 6.17 -4.31 -43.70
N LEU D 230 5.89 -4.18 -42.40
CA LEU D 230 6.38 -5.12 -41.42
C LEU D 230 5.26 -6.07 -41.05
N TYR D 231 5.63 -7.34 -40.85
CA TYR D 231 4.68 -8.32 -40.37
C TYR D 231 4.64 -8.26 -38.86
N GLY D 232 3.45 -8.21 -38.30
CA GLY D 232 3.25 -8.01 -36.87
C GLY D 232 2.51 -9.11 -36.15
N GLY D 233 2.42 -10.27 -36.77
CA GLY D 233 1.88 -11.44 -36.07
C GLY D 233 2.94 -12.09 -35.22
N SER D 234 2.68 -13.34 -34.82
CA SER D 234 3.62 -14.09 -33.97
C SER D 234 4.90 -14.39 -34.70
N VAL D 235 5.98 -13.75 -34.28
CA VAL D 235 7.26 -13.99 -34.91
C VAL D 235 8.18 -14.56 -33.86
N LYS D 236 8.76 -15.72 -34.17
CA LYS D 236 9.64 -16.41 -33.25
C LYS D 236 10.94 -16.69 -34.03
N ALA D 237 12.01 -17.02 -33.30
CA ALA D 237 13.30 -17.35 -33.93
C ALA D 237 13.16 -18.38 -35.06
N ASP D 238 12.27 -19.34 -34.87
CA ASP D 238 12.12 -20.47 -35.82
C ASP D 238 11.32 -20.17 -37.09
N ASN D 239 10.59 -19.04 -37.13
CA ASN D 239 9.79 -18.70 -38.33
C ASN D 239 10.18 -17.38 -39.04
N ALA D 240 11.07 -16.61 -38.43
CA ALA D 240 11.45 -15.30 -38.98
C ALA D 240 11.96 -15.36 -40.44
N ALA D 241 12.85 -16.33 -40.72
CA ALA D 241 13.48 -16.42 -42.06
C ALA D 241 12.45 -16.63 -43.17
N GLU D 242 11.48 -17.50 -42.89
CA GLU D 242 10.45 -17.81 -43.86
C GLU D 242 9.55 -16.60 -44.13
N LEU D 243 9.19 -15.89 -43.06
CA LEU D 243 8.31 -14.73 -43.17
C LEU D 243 9.01 -13.61 -43.91
N PHE D 244 10.22 -13.27 -43.45
CA PHE D 244 10.95 -12.13 -44.02
C PHE D 244 11.45 -12.40 -45.44
N GLY D 245 11.50 -13.67 -45.84
CA GLY D 245 11.84 -14.05 -47.23
C GLY D 245 10.77 -13.71 -48.27
N GLN D 246 9.54 -13.44 -47.83
CA GLN D 246 8.48 -13.06 -48.73
C GLN D 246 8.73 -11.70 -49.37
N PRO D 247 8.30 -11.55 -50.63
CA PRO D 247 8.68 -10.34 -51.36
C PRO D 247 8.12 -9.01 -50.86
N ASP D 248 6.95 -9.02 -50.21
CA ASP D 248 6.38 -7.76 -49.69
C ASP D 248 6.43 -7.62 -48.16
N ILE D 249 7.21 -8.48 -47.52
CA ILE D 249 7.42 -8.40 -46.08
C ILE D 249 8.83 -7.90 -45.85
N ASP D 250 8.94 -6.69 -45.29
CA ASP D 250 10.22 -5.98 -45.15
C ASP D 250 10.82 -6.11 -43.75
N GLY D 251 10.24 -6.95 -42.90
CA GLY D 251 10.72 -7.12 -41.53
C GLY D 251 9.57 -7.35 -40.59
N GLY D 252 9.73 -7.03 -39.30
CA GLY D 252 8.73 -7.36 -38.28
C GLY D 252 8.59 -6.39 -37.11
N LEU D 253 7.36 -6.26 -36.64
CA LEU D 253 7.02 -5.61 -35.34
C LEU D 253 6.82 -6.75 -34.36
N ILE D 254 7.79 -6.96 -33.47
CA ILE D 254 7.86 -8.17 -32.65
C ILE D 254 7.27 -7.96 -31.25
N GLY D 255 6.45 -8.91 -30.82
CA GLY D 255 5.83 -8.89 -29.51
C GLY D 255 6.67 -9.54 -28.42
N GLY D 256 6.18 -10.67 -27.91
CA GLY D 256 6.78 -11.36 -26.76
C GLY D 256 8.24 -11.74 -26.91
N ALA D 257 8.64 -12.07 -28.13
CA ALA D 257 10.05 -12.41 -28.41
C ALA D 257 10.94 -11.21 -28.22
N SER D 258 10.39 -10.01 -28.23
CA SER D 258 11.23 -8.84 -28.02
C SER D 258 11.67 -8.73 -26.56
N LEU D 259 11.06 -9.50 -25.66
CA LEU D 259 11.46 -9.46 -24.22
C LEU D 259 12.67 -10.33 -23.80
N LYS D 260 13.20 -11.18 -24.67
CA LYS D 260 14.36 -12.02 -24.33
C LYS D 260 15.40 -11.78 -25.44
N SER D 261 16.55 -11.21 -25.08
CA SER D 261 17.51 -10.77 -26.10
C SER D 261 17.91 -11.85 -27.13
N GLY D 262 18.06 -13.10 -26.71
CA GLY D 262 18.47 -14.16 -27.64
C GLY D 262 17.47 -14.37 -28.74
N ASP D 263 16.19 -14.42 -28.39
CA ASP D 263 15.13 -14.58 -29.38
C ASP D 263 14.99 -13.35 -30.31
N PHE D 264 15.10 -12.15 -29.75
CA PHE D 264 14.94 -10.93 -30.52
C PHE D 264 16.07 -10.78 -31.55
N LEU D 265 17.30 -11.07 -31.14
CA LEU D 265 18.45 -10.96 -32.04
C LEU D 265 18.41 -12.05 -33.12
N ALA D 266 17.98 -13.25 -32.76
CA ALA D 266 17.77 -14.29 -33.76
C ALA D 266 16.85 -13.75 -34.85
N ILE D 267 15.76 -13.11 -34.44
CA ILE D 267 14.82 -12.55 -35.40
C ILE D 267 15.48 -11.45 -36.23
N CYS D 268 16.23 -10.57 -35.58
CA CYS D 268 16.91 -9.46 -36.29
C CYS D 268 17.86 -10.00 -37.35
N ARG D 269 18.61 -11.06 -37.01
CA ARG D 269 19.58 -11.66 -37.97
C ARG D 269 18.89 -12.26 -39.18
N ALA D 270 17.70 -12.82 -38.99
CA ALA D 270 16.92 -13.40 -40.08
C ALA D 270 16.42 -12.38 -41.11
N ALA D 271 16.49 -11.10 -40.79
CA ALA D 271 15.98 -10.08 -41.68
C ALA D 271 16.99 -9.66 -42.75
N LYS D 272 18.22 -10.20 -42.69
CA LYS D 272 19.23 -10.04 -43.77
C LYS D 272 18.57 -10.08 -45.15
#